data_2BNS
#
_entry.id   2BNS
#
_cell.length_a   100.099
_cell.length_b   100.099
_cell.length_c   237.020
_cell.angle_alpha   90.00
_cell.angle_beta   90.00
_cell.angle_gamma   90.00
#
_symmetry.space_group_name_H-M   'P 42 21 2'
#
loop_
_entity.id
_entity.type
_entity.pdbx_description
1 polymer 'Reaction center protein L chain'
2 polymer 'Reaction center protein M chain'
3 polymer 'Reaction center protein H chain'
4 non-polymer 'BACTERIOCHLOROPHYLL A'
5 non-polymer 'BACTERIOPHEOPHYTIN A'
6 non-polymer 2-T-BUTYLAMINO-4-ETHYLAMINO-6-METHYLTHIO-S-TRIAZINE
7 non-polymer 'FE (II) ION'
8 non-polymer UBIQUINONE-10
9 non-polymer 'CHLORIDE ION'
10 non-polymer 'PHOSPHATE ION'
11 water water
#
loop_
_entity_poly.entity_id
_entity_poly.type
_entity_poly.pdbx_seq_one_letter_code
_entity_poly.pdbx_strand_id
1 'polypeptide(L)'
;ALLSFERKYRVPGGTLVGGNLFDFWVGPFYVGFFGVATFFFAALGIILIAWSAVLQGTWNPQLISVYPPALEYGLGGAPL
AKGGLWQIITICATGAFVSWALREVEICRKLGIGYHIPFAFAFAILAYLTLVLFRPVMMGAWGYAFPYGIWTHLDWVSNT
GYTYGNFHYNPAHMIAISFFFTNALALALHGALVLSAANPEKGKEMRTPDHEDTFFRDLVGYSIGTLGIHRLGLLLSLSA
VFFSALCMIITGTIWFDQWVDWWQWWVKLPWWANIPGGING
;
A
2 'polypeptide(L)'
;AEYQNIFSQVQVRGPADLGMTEDVNLANRSGVGPFSTLLGWFGNAQLGPIYLGSLGVLSLFSGLMWFFTIGIWFWYQAGW
NPAVFLRDLFFFSLEPPAPEYGLSFAAPLKEGGLWLIASFFMFVAVWSWWGRTYLRAQALGMGKHTAWAFLSAIWLWMVL
GFIRPILMGSWSEAVPYGIFSHLDWTNNFSLVHGNLFYNPFHGLSIAFLYGSALLFAMHGATILAVSRFGGERELEQIAD
RGTAAERAALFWRWTMGFNATMEGIHRWAIWMAVLVTLTGGIGILLSGTVVDNWYVWGQNHGMAPLN
;
B
3 'polypeptide(L)'
;MVGVTAFGNFDLASLAIYSFWIFLAGLIYYLQTENMREGYPLENEDGTPAANQGPFPLPKPKTFILPHGRGTLTVPGPES
EDRPIALARTAVSEGFPHAPTGDPMKDGVGPASWVARRDLPELDGHGHNKIKPMKAAAGFHVSAGKNPIGLPVRGCDLEI
AGKVVDIWVDIPEQMARFLEVELKDGSTRLLPMQMVKVQSNRVHVNALSSDLFAGIPTIKSPTEVTLLEEDKICGYVAGG
LMYAAPKRKSVVAAMLAEYA
;
C
#
# COMPACT_ATOMS: atom_id res chain seq x y z
N ALA A 1 19.98 -17.65 12.53
CA ALA A 1 19.17 -18.76 11.94
C ALA A 1 18.59 -18.29 10.62
N LEU A 2 18.01 -19.23 9.86
CA LEU A 2 17.53 -19.04 8.50
C LEU A 2 16.09 -19.55 8.34
N LEU A 3 15.30 -18.93 7.47
CA LEU A 3 14.07 -19.55 6.98
C LEU A 3 14.44 -20.82 6.19
N SER A 4 13.57 -21.82 6.22
CA SER A 4 13.80 -23.12 5.60
C SER A 4 14.24 -23.04 4.14
N PHE A 5 13.87 -21.96 3.45
CA PHE A 5 14.14 -21.80 2.01
C PHE A 5 15.20 -20.72 1.67
N GLU A 6 15.86 -20.21 2.70
CA GLU A 6 16.67 -18.99 2.60
C GLU A 6 18.07 -19.26 2.08
N ARG A 7 18.59 -20.43 2.41
CA ARG A 7 20.01 -20.74 2.22
C ARG A 7 20.46 -20.52 0.77
N LYS A 8 19.64 -20.95 -0.17
CA LYS A 8 20.01 -20.92 -1.58
C LYS A 8 20.15 -19.49 -2.09
N TYR A 9 19.60 -18.54 -1.35
CA TYR A 9 19.69 -17.13 -1.74
C TYR A 9 20.85 -16.38 -1.07
N ARG A 10 21.54 -16.97 -0.09
CA ARG A 10 22.59 -16.24 0.66
C ARG A 10 23.96 -16.40 -0.02
N VAL A 11 24.03 -15.99 -1.28
CA VAL A 11 25.24 -16.07 -2.08
C VAL A 11 26.00 -14.75 -1.97
N PRO A 12 27.26 -14.72 -2.41
CA PRO A 12 27.98 -13.44 -2.49
C PRO A 12 27.50 -12.60 -3.67
N GLY A 13 27.62 -11.27 -3.54
CA GLY A 13 27.41 -10.38 -4.66
C GLY A 13 26.35 -9.34 -4.35
N GLY A 14 26.38 -8.28 -5.14
CA GLY A 14 25.36 -7.25 -5.09
C GLY A 14 25.77 -5.99 -4.36
N THR A 15 26.96 -5.98 -3.76
CA THR A 15 27.40 -4.78 -3.09
C THR A 15 27.74 -3.71 -4.09
N LEU A 16 27.63 -2.47 -3.63
CA LEU A 16 27.95 -1.30 -4.39
C LEU A 16 29.30 -0.74 -3.93
N VAL A 17 29.62 -0.96 -2.66
CA VAL A 17 30.87 -0.49 -2.07
C VAL A 17 31.43 -1.57 -1.15
N GLY A 18 32.74 -1.76 -1.20
CA GLY A 18 33.46 -2.60 -0.26
C GLY A 18 33.65 -4.05 -0.68
N GLY A 19 33.15 -4.43 -1.84
CA GLY A 19 33.31 -5.78 -2.33
C GLY A 19 32.68 -6.77 -1.37
N ASN A 20 33.40 -7.82 -1.01
CA ASN A 20 32.93 -8.81 -0.06
C ASN A 20 33.23 -8.47 1.40
N LEU A 21 33.92 -7.35 1.65
CA LEU A 21 34.32 -6.98 3.01
C LEU A 21 33.17 -6.91 3.99
N PHE A 22 32.00 -6.44 3.56
CA PHE A 22 30.90 -6.29 4.48
C PHE A 22 29.72 -7.18 4.10
N ASP A 23 29.99 -8.20 3.29
CA ASP A 23 28.99 -9.02 2.64
C ASP A 23 28.71 -10.24 3.50
N PHE A 24 28.01 -9.96 4.59
CA PHE A 24 27.60 -10.98 5.55
C PHE A 24 26.36 -10.49 6.31
N TRP A 25 25.85 -11.39 7.14
CA TRP A 25 24.62 -11.21 7.89
C TRP A 25 24.93 -11.34 9.36
N VAL A 26 24.15 -10.64 10.17
CA VAL A 26 24.12 -10.85 11.62
C VAL A 26 22.71 -11.25 12.01
N GLY A 27 22.56 -12.51 12.40
CA GLY A 27 21.26 -13.08 12.62
C GLY A 27 20.53 -13.06 11.29
N PRO A 28 19.33 -12.50 11.26
CA PRO A 28 18.61 -12.32 9.99
C PRO A 28 19.11 -11.11 9.18
N PHE A 29 19.74 -10.14 9.85
CA PHE A 29 20.05 -8.84 9.21
C PHE A 29 21.21 -8.96 8.23
N TYR A 30 21.04 -8.43 7.01
CA TYR A 30 22.14 -8.24 6.09
C TYR A 30 22.89 -7.00 6.50
N VAL A 31 24.22 -7.04 6.39
CA VAL A 31 25.03 -5.90 6.79
C VAL A 31 25.35 -5.01 5.58
N GLY A 32 26.44 -5.33 4.88
CA GLY A 32 26.98 -4.47 3.84
C GLY A 32 27.55 -3.18 4.42
N PHE A 33 28.26 -2.44 3.57
CA PHE A 33 28.86 -1.17 3.96
C PHE A 33 27.81 -0.24 4.53
N PHE A 34 26.65 -0.21 3.90
CA PHE A 34 25.59 0.69 4.29
C PHE A 34 24.89 0.32 5.59
N GLY A 35 24.99 -0.94 5.96
CA GLY A 35 24.60 -1.43 7.27
C GLY A 35 25.53 -0.96 8.39
N VAL A 36 26.85 -0.94 8.12
CA VAL A 36 27.81 -0.45 9.12
C VAL A 36 27.66 1.07 9.25
N ALA A 37 27.50 1.75 8.11
CA ALA A 37 27.20 3.18 8.08
C ALA A 37 25.91 3.51 8.83
N THR A 38 24.86 2.72 8.62
CA THR A 38 23.58 2.94 9.29
C THR A 38 23.81 2.84 10.77
N PHE A 39 24.52 1.79 11.17
CA PHE A 39 24.81 1.52 12.55
C PHE A 39 25.58 2.67 13.16
N PHE A 40 26.59 3.17 12.46
CA PHE A 40 27.42 4.24 12.99
C PHE A 40 26.53 5.49 13.18
N PHE A 41 25.87 5.93 12.10
CA PHE A 41 25.00 7.10 12.17
C PHE A 41 23.92 7.01 13.24
N ALA A 42 23.31 5.83 13.39
CA ALA A 42 22.22 5.62 14.34
C ALA A 42 22.73 5.60 15.76
N ALA A 43 23.90 4.99 15.95
CA ALA A 43 24.56 4.92 17.26
C ALA A 43 24.92 6.32 17.77
N LEU A 44 25.58 7.11 16.95
CA LEU A 44 25.93 8.49 17.28
C LEU A 44 24.73 9.38 17.63
N GLY A 45 23.66 9.30 16.84
CA GLY A 45 22.47 10.12 17.08
C GLY A 45 21.71 9.70 18.32
N ILE A 46 21.66 8.39 18.55
CA ILE A 46 21.03 7.85 19.75
C ILE A 46 21.81 8.34 20.95
N ILE A 47 23.13 8.29 20.87
CA ILE A 47 24.00 8.76 21.94
C ILE A 47 23.81 10.25 22.17
N LEU A 48 23.80 11.03 21.09
CA LEU A 48 23.64 12.49 21.16
C LEU A 48 22.29 12.89 21.78
N ILE A 49 21.24 12.10 21.54
CA ILE A 49 19.94 12.30 22.16
C ILE A 49 20.02 12.03 23.67
N ALA A 50 20.77 10.99 24.02
CA ALA A 50 21.05 10.65 25.42
C ALA A 50 21.72 11.82 26.14
N TRP A 51 22.73 12.43 25.51
CA TRP A 51 23.43 13.63 26.02
C TRP A 51 22.45 14.79 26.19
N SER A 52 21.56 14.94 25.21
CA SER A 52 20.55 16.01 25.23
C SER A 52 19.56 15.85 26.38
N ALA A 53 19.28 14.61 26.75
CA ALA A 53 18.36 14.32 27.85
C ALA A 53 19.02 14.52 29.23
N VAL A 54 20.32 14.28 29.31
CA VAL A 54 21.08 14.57 30.52
C VAL A 54 21.13 16.10 30.75
N LEU A 55 21.33 16.86 29.68
CA LEU A 55 21.28 18.33 29.73
C LEU A 55 19.91 18.88 30.17
N GLN A 56 18.83 18.39 29.56
CA GLN A 56 17.46 18.78 29.91
C GLN A 56 17.05 18.36 31.34
N GLY A 57 17.64 17.28 31.86
CA GLY A 57 17.38 16.81 33.21
C GLY A 57 16.34 15.71 33.41
N THR A 58 16.05 14.91 32.37
CA THR A 58 15.04 13.84 32.45
C THR A 58 15.43 12.56 31.70
N TRP A 59 14.82 11.43 32.07
CA TRP A 59 14.99 10.15 31.36
C TRP A 59 13.66 9.63 30.71
N ASN A 60 12.55 10.30 31.01
CA ASN A 60 11.24 9.95 30.45
C ASN A 60 11.23 10.25 28.94
N PRO A 61 10.98 9.25 28.09
CA PRO A 61 10.90 9.51 26.64
C PRO A 61 9.74 10.44 26.24
N GLN A 62 8.66 10.43 27.02
CA GLN A 62 7.53 11.38 26.83
C GLN A 62 7.96 12.85 27.04
N LEU A 63 9.05 13.05 27.78
CA LEU A 63 9.52 14.40 28.10
C LEU A 63 10.67 14.86 27.20
N ILE A 64 11.57 13.95 26.82
CA ILE A 64 12.74 14.33 26.05
C ILE A 64 12.34 15.05 24.78
N SER A 65 12.96 16.21 24.56
CA SER A 65 12.71 17.03 23.39
C SER A 65 13.97 17.80 23.01
N VAL A 66 14.50 17.50 21.82
CA VAL A 66 15.72 18.11 21.29
C VAL A 66 15.29 19.18 20.29
N TYR A 67 15.40 20.45 20.68
CA TYR A 67 14.92 21.56 19.86
C TYR A 67 16.00 22.03 18.89
N PRO A 68 15.58 22.49 17.71
CA PRO A 68 16.52 23.11 16.76
C PRO A 68 16.92 24.48 17.30
N PRO A 69 17.90 25.13 16.67
CA PRO A 69 18.34 26.46 17.11
C PRO A 69 17.17 27.44 17.10
N ALA A 70 17.22 28.48 17.92
CA ALA A 70 16.22 29.54 17.82
C ALA A 70 16.33 30.16 16.44
N LEU A 71 15.27 30.79 15.97
CA LEU A 71 15.24 31.40 14.63
C LEU A 71 16.38 32.42 14.43
N GLU A 72 16.72 33.14 15.49
CA GLU A 72 17.77 34.16 15.41
C GLU A 72 19.09 33.56 14.88
N TYR A 73 19.32 32.25 15.08
CA TYR A 73 20.52 31.57 14.57
C TYR A 73 20.60 31.43 13.03
N GLY A 74 19.54 31.78 12.32
CA GLY A 74 19.47 31.61 10.87
C GLY A 74 19.88 30.19 10.51
N LEU A 75 20.77 30.08 9.52
CA LEU A 75 21.33 28.79 9.08
C LEU A 75 22.79 28.58 9.54
N GLY A 76 23.21 29.32 10.55
CA GLY A 76 24.50 29.07 11.18
C GLY A 76 24.43 27.86 12.09
N GLY A 77 25.59 27.37 12.48
CA GLY A 77 25.66 26.39 13.54
C GLY A 77 25.31 27.06 14.86
N ALA A 78 24.90 26.24 15.84
CA ALA A 78 24.60 26.73 17.18
C ALA A 78 25.34 25.88 18.19
N PRO A 79 25.55 26.40 19.41
CA PRO A 79 26.11 25.58 20.50
C PRO A 79 25.29 24.34 20.76
N LEU A 80 25.96 23.24 21.14
CA LEU A 80 25.30 21.96 21.40
C LEU A 80 23.98 22.09 22.18
N ALA A 81 24.07 22.68 23.37
CA ALA A 81 22.90 22.82 24.26
C ALA A 81 21.79 23.72 23.69
N LYS A 82 22.12 24.61 22.74
CA LYS A 82 21.17 25.59 22.19
C LYS A 82 20.81 25.39 20.70
N GLY A 83 20.85 24.13 20.25
CA GLY A 83 20.42 23.79 18.90
C GLY A 83 21.39 22.93 18.10
N GLY A 84 22.66 22.91 18.51
CA GLY A 84 23.69 22.18 17.78
C GLY A 84 23.54 20.68 17.83
N LEU A 85 23.14 20.18 18.99
CA LEU A 85 22.74 18.78 19.16
C LEU A 85 21.65 18.36 18.16
N TRP A 86 20.65 19.20 17.93
CA TRP A 86 19.63 18.93 16.92
C TRP A 86 20.22 18.90 15.51
N GLN A 87 21.15 19.80 15.21
CA GLN A 87 21.72 19.87 13.87
C GLN A 87 22.57 18.63 13.55
N ILE A 88 23.26 18.08 14.55
CA ILE A 88 24.12 16.90 14.35
C ILE A 88 23.25 15.65 14.34
N ILE A 89 22.18 15.63 15.13
CA ILE A 89 21.25 14.52 15.11
C ILE A 89 20.52 14.50 13.76
N THR A 90 20.31 15.66 13.18
CA THR A 90 19.68 15.74 11.89
C THR A 90 20.62 15.25 10.78
N ILE A 91 21.91 15.54 10.91
CA ILE A 91 22.89 15.03 9.97
C ILE A 91 22.94 13.50 10.10
N CYS A 92 22.88 13.00 11.33
CA CYS A 92 22.96 11.57 11.57
C CYS A 92 21.74 10.82 11.02
N ALA A 93 20.55 11.35 11.31
CA ALA A 93 19.29 10.85 10.79
C ALA A 93 19.33 10.73 9.27
N THR A 94 19.77 11.78 8.60
CA THR A 94 19.82 11.78 7.14
C THR A 94 20.80 10.73 6.59
N GLY A 95 21.98 10.64 7.19
CA GLY A 95 22.95 9.62 6.82
C GLY A 95 22.41 8.22 7.07
N ALA A 96 21.81 7.98 8.23
CA ALA A 96 21.21 6.69 8.53
C ALA A 96 20.06 6.33 7.57
N PHE A 97 19.19 7.28 7.27
CA PHE A 97 18.06 7.03 6.38
C PHE A 97 18.55 6.73 4.98
N VAL A 98 19.49 7.52 4.47
CA VAL A 98 20.04 7.33 3.12
C VAL A 98 20.80 6.00 3.03
N SER A 99 21.57 5.67 4.07
CA SER A 99 22.33 4.42 4.12
C SER A 99 21.40 3.19 4.16
N TRP A 100 20.31 3.29 4.90
CA TRP A 100 19.28 2.25 4.92
C TRP A 100 18.75 2.01 3.50
N ALA A 101 18.51 3.09 2.77
CA ALA A 101 18.04 3.02 1.39
C ALA A 101 19.04 2.30 0.50
N LEU A 102 20.32 2.61 0.67
CA LEU A 102 21.36 2.08 -0.20
C LEU A 102 21.64 0.61 0.11
N ARG A 103 21.54 0.27 1.39
CA ARG A 103 21.53 -1.11 1.87
C ARG A 103 20.36 -1.88 1.26
N GLU A 104 19.17 -1.28 1.25
CA GLU A 104 18.03 -1.90 0.58
C GLU A 104 18.41 -2.22 -0.87
N VAL A 105 19.00 -1.25 -1.57
CA VAL A 105 19.45 -1.47 -2.94
C VAL A 105 20.41 -2.67 -3.07
N GLU A 106 21.39 -2.79 -2.17
CA GLU A 106 22.31 -3.93 -2.19
C GLU A 106 21.58 -5.27 -2.04
N ILE A 107 20.61 -5.31 -1.13
CA ILE A 107 19.77 -6.48 -0.92
C ILE A 107 18.97 -6.78 -2.19
N CYS A 108 18.41 -5.75 -2.82
CA CYS A 108 17.71 -5.93 -4.10
C CYS A 108 18.58 -6.64 -5.14
N ARG A 109 19.84 -6.22 -5.23
CA ARG A 109 20.75 -6.75 -6.23
C ARG A 109 21.13 -8.19 -5.94
N LYS A 110 21.27 -8.56 -4.67
CA LYS A 110 21.68 -9.92 -4.31
C LYS A 110 20.53 -10.88 -4.58
N LEU A 111 19.33 -10.44 -4.23
CA LEU A 111 18.10 -11.18 -4.48
C LEU A 111 17.55 -11.08 -5.90
N GLY A 112 18.22 -10.29 -6.77
CA GLY A 112 17.83 -10.10 -8.15
C GLY A 112 16.40 -9.61 -8.35
N ILE A 113 15.97 -8.64 -7.56
CA ILE A 113 14.63 -8.04 -7.69
C ILE A 113 14.73 -6.56 -8.06
N GLY A 114 13.60 -5.98 -8.45
CA GLY A 114 13.58 -4.57 -8.76
C GLY A 114 13.87 -3.65 -7.58
N TYR A 115 14.17 -2.39 -7.88
CA TYR A 115 14.59 -1.39 -6.91
C TYR A 115 13.42 -0.56 -6.40
N HIS A 116 12.20 -1.06 -6.53
CA HIS A 116 11.02 -0.25 -6.23
C HIS A 116 10.90 0.13 -4.75
N ILE A 117 11.40 -0.69 -3.84
CA ILE A 117 11.21 -0.42 -2.41
C ILE A 117 12.05 0.79 -1.92
N PRO A 118 13.36 0.82 -2.15
CA PRO A 118 14.16 2.00 -1.79
C PRO A 118 13.78 3.27 -2.56
N PHE A 119 13.48 3.15 -3.85
CA PHE A 119 12.85 4.26 -4.60
C PHE A 119 11.66 4.85 -3.80
N ALA A 120 10.81 3.99 -3.26
CA ALA A 120 9.62 4.41 -2.52
C ALA A 120 9.97 5.00 -1.15
N PHE A 121 10.85 4.33 -0.42
CA PHE A 121 11.32 4.81 0.86
C PHE A 121 11.93 6.21 0.67
N ALA A 122 12.50 6.47 -0.50
CA ALA A 122 13.17 7.74 -0.76
C ALA A 122 12.21 8.92 -0.72
N PHE A 123 10.94 8.72 -1.10
CA PHE A 123 9.86 9.73 -0.89
C PHE A 123 9.65 10.08 0.60
N ALA A 124 9.68 9.07 1.47
CA ALA A 124 9.58 9.33 2.90
C ALA A 124 10.73 10.22 3.34
N ILE A 125 11.94 9.91 2.88
CA ILE A 125 13.12 10.68 3.19
C ILE A 125 12.98 12.13 2.70
N LEU A 126 12.45 12.29 1.49
CA LEU A 126 12.30 13.61 0.88
C LEU A 126 11.27 14.45 1.65
N ALA A 127 10.32 13.78 2.31
CA ALA A 127 9.39 14.48 3.19
C ALA A 127 10.08 14.96 4.49
N TYR A 128 10.92 14.09 5.08
CA TYR A 128 11.70 14.44 6.26
C TYR A 128 12.62 15.64 5.92
N LEU A 129 13.38 15.49 4.86
CA LEU A 129 14.26 16.57 4.39
C LEU A 129 13.51 17.86 4.05
N THR A 130 12.28 17.77 3.59
CA THR A 130 11.48 18.96 3.33
C THR A 130 11.19 19.76 4.61
N LEU A 131 10.78 19.06 5.66
CA LEU A 131 10.47 19.72 6.92
C LEU A 131 11.72 20.16 7.69
N VAL A 132 12.83 19.49 7.42
CA VAL A 132 14.03 19.61 8.23
C VAL A 132 15.13 20.42 7.51
N LEU A 133 15.10 20.45 6.17
CA LEU A 133 16.20 21.03 5.38
C LEU A 133 15.75 22.00 4.29
N PHE A 134 14.93 21.54 3.35
CA PHE A 134 14.52 22.38 2.24
C PHE A 134 13.69 23.58 2.71
N ARG A 135 12.68 23.33 3.53
CA ARG A 135 11.79 24.42 3.96
C ARG A 135 12.52 25.40 4.88
N PRO A 136 13.17 24.90 5.94
CA PRO A 136 14.03 25.75 6.77
C PRO A 136 15.03 26.61 6.00
N VAL A 137 15.71 26.07 4.99
CA VAL A 137 16.67 26.83 4.20
C VAL A 137 16.01 27.94 3.37
N MET A 138 14.94 27.58 2.66
CA MET A 138 14.13 28.56 1.92
C MET A 138 13.56 29.69 2.79
N MET A 139 13.23 29.37 4.04
CA MET A 139 12.72 30.34 5.01
C MET A 139 13.81 31.12 5.76
N GLY A 140 15.05 30.67 5.66
CA GLY A 140 16.19 31.33 6.28
C GLY A 140 16.62 30.93 7.68
N ALA A 141 16.03 29.89 8.28
CA ALA A 141 16.50 29.42 9.59
C ALA A 141 16.10 27.97 9.94
N TRP A 142 17.00 27.25 10.62
CA TRP A 142 16.76 25.88 11.07
C TRP A 142 15.66 25.80 12.16
N GLY A 143 15.36 26.92 12.80
CA GLY A 143 14.38 26.95 13.86
C GLY A 143 12.95 26.78 13.36
N TYR A 144 12.75 26.93 12.05
CA TYR A 144 11.47 26.62 11.43
C TYR A 144 11.19 25.10 11.34
N ALA A 145 12.25 24.29 11.42
CA ALA A 145 12.14 22.83 11.49
C ALA A 145 11.47 22.38 12.79
N PHE A 146 11.21 21.08 12.90
CA PHE A 146 10.46 20.52 14.03
C PHE A 146 11.33 19.90 15.12
N PRO A 147 10.88 19.98 16.37
CA PRO A 147 11.66 19.44 17.49
C PRO A 147 11.52 17.92 17.61
N TYR A 148 12.60 17.26 18.01
CA TYR A 148 12.64 15.81 18.21
C TYR A 148 12.22 15.48 19.64
N GLY A 149 10.91 15.34 19.81
CA GLY A 149 10.31 14.90 21.06
C GLY A 149 8.93 14.39 20.74
N ILE A 150 8.49 13.36 21.45
CA ILE A 150 7.25 12.68 21.15
C ILE A 150 6.02 13.57 21.13
N TRP A 151 5.91 14.48 22.09
CA TRP A 151 4.74 15.36 22.13
C TRP A 151 5.04 16.75 21.61
N THR A 152 6.27 17.23 21.79
CA THR A 152 6.66 18.57 21.32
C THR A 152 6.62 18.72 19.81
N HIS A 153 6.81 17.64 19.06
CA HIS A 153 6.69 17.73 17.60
C HIS A 153 5.22 17.86 17.22
N LEU A 154 4.32 17.27 18.01
CA LEU A 154 2.90 17.54 17.87
C LEU A 154 2.56 19.02 18.11
N ASP A 155 3.14 19.63 19.16
CA ASP A 155 2.91 21.05 19.44
C ASP A 155 3.41 21.92 18.29
N TRP A 156 4.46 21.46 17.63
CA TRP A 156 5.04 22.16 16.50
C TRP A 156 4.11 22.12 15.30
N VAL A 157 3.48 20.97 15.06
CA VAL A 157 2.50 20.81 13.99
C VAL A 157 1.32 21.76 14.26
N SER A 158 0.85 21.76 15.49
CA SER A 158 -0.22 22.66 15.88
C SER A 158 0.14 24.15 15.64
N ASN A 159 1.29 24.58 16.16
CA ASN A 159 1.72 25.97 16.03
C ASN A 159 1.95 26.39 14.58
N THR A 160 2.67 25.58 13.83
CA THR A 160 2.93 25.83 12.40
C THR A 160 1.62 25.92 11.62
N GLY A 161 0.70 25.02 11.92
CA GLY A 161 -0.55 24.97 11.20
C GLY A 161 -1.41 26.19 11.48
N TYR A 162 -1.45 26.59 12.76
CA TYR A 162 -2.30 27.70 13.17
C TYR A 162 -1.71 29.06 12.79
N THR A 163 -0.43 29.09 12.43
CA THR A 163 0.12 30.30 11.79
C THR A 163 -0.63 30.71 10.50
N TYR A 164 -1.19 29.74 9.78
CA TYR A 164 -1.89 30.01 8.52
C TYR A 164 -3.41 29.77 8.63
N GLY A 165 -3.96 30.10 9.80
CA GLY A 165 -5.35 29.81 10.11
C GLY A 165 -5.63 28.32 10.17
N ASN A 166 -6.72 27.89 9.56
CA ASN A 166 -6.99 26.48 9.35
C ASN A 166 -6.17 25.99 8.15
N PHE A 167 -5.20 25.12 8.43
CA PHE A 167 -4.34 24.52 7.41
C PHE A 167 -5.13 23.57 6.50
N HIS A 168 -6.36 23.23 6.89
CA HIS A 168 -7.28 22.47 6.05
C HIS A 168 -7.46 23.12 4.69
N TYR A 169 -7.32 24.44 4.64
CA TYR A 169 -7.55 25.20 3.41
C TYR A 169 -6.33 25.24 2.47
N ASN A 170 -5.22 24.65 2.88
CA ASN A 170 -4.07 24.50 1.99
C ASN A 170 -4.50 23.52 0.88
N PRO A 171 -4.51 23.95 -0.38
CA PRO A 171 -5.02 23.10 -1.47
C PRO A 171 -4.21 21.82 -1.67
N ALA A 172 -2.89 21.89 -1.53
CA ALA A 172 -2.05 20.70 -1.59
C ALA A 172 -2.20 19.81 -0.36
N HIS A 173 -2.54 20.38 0.81
CA HIS A 173 -2.87 19.59 2.03
C HIS A 173 -4.14 18.78 1.67
N MET A 174 -5.06 19.38 0.92
CA MET A 174 -6.32 18.70 0.62
C MET A 174 -6.07 17.51 -0.26
N ILE A 175 -5.31 17.72 -1.32
CA ILE A 175 -4.98 16.66 -2.26
C ILE A 175 -4.25 15.52 -1.52
N ALA A 176 -3.32 15.91 -0.66
CA ALA A 176 -2.51 14.98 0.10
C ALA A 176 -3.38 14.08 0.98
N ILE A 177 -4.32 14.69 1.68
CA ILE A 177 -5.23 13.99 2.56
C ILE A 177 -6.08 13.00 1.79
N SER A 178 -6.57 13.43 0.63
CA SER A 178 -7.41 12.58 -0.21
C SER A 178 -6.65 11.34 -0.59
N PHE A 179 -5.34 11.49 -0.83
CA PHE A 179 -4.51 10.34 -1.16
C PHE A 179 -4.32 9.45 0.06
N PHE A 180 -4.18 10.03 1.25
CA PHE A 180 -4.01 9.25 2.47
C PHE A 180 -5.27 8.45 2.72
N PHE A 181 -6.39 9.14 2.67
CA PHE A 181 -7.68 8.51 2.90
C PHE A 181 -7.92 7.45 1.83
N THR A 182 -7.66 7.79 0.58
CA THR A 182 -7.88 6.84 -0.50
C THR A 182 -6.94 5.64 -0.38
N ASN A 183 -5.74 5.85 0.13
CA ASN A 183 -4.79 4.77 0.31
C ASN A 183 -5.27 3.80 1.36
N ALA A 184 -5.71 4.31 2.51
CA ALA A 184 -6.22 3.43 3.56
C ALA A 184 -7.44 2.66 3.06
N LEU A 185 -8.30 3.35 2.30
CA LEU A 185 -9.45 2.71 1.69
C LEU A 185 -8.95 1.55 0.84
N ALA A 186 -8.06 1.87 -0.10
CA ALA A 186 -7.49 0.87 -1.00
C ALA A 186 -6.81 -0.34 -0.29
N LEU A 187 -6.04 -0.09 0.75
CA LEU A 187 -5.34 -1.17 1.45
C LEU A 187 -6.30 -2.14 2.15
N ALA A 188 -7.35 -1.59 2.74
CA ALA A 188 -8.37 -2.34 3.46
C ALA A 188 -9.08 -3.27 2.50
N LEU A 189 -9.50 -2.70 1.38
CA LEU A 189 -10.07 -3.47 0.28
C LEU A 189 -9.13 -4.54 -0.31
N HIS A 190 -7.84 -4.23 -0.55
CA HIS A 190 -6.91 -5.19 -1.17
C HIS A 190 -6.64 -6.35 -0.22
N GLY A 191 -6.41 -6.04 1.06
CA GLY A 191 -6.27 -7.05 2.12
C GLY A 191 -7.51 -7.93 2.19
N ALA A 192 -8.66 -7.29 2.27
CA ALA A 192 -9.97 -7.95 2.33
C ALA A 192 -10.14 -8.93 1.17
N LEU A 193 -9.92 -8.41 -0.02
CA LEU A 193 -10.23 -9.13 -1.24
C LEU A 193 -9.39 -10.40 -1.31
N VAL A 194 -8.08 -10.25 -1.17
CA VAL A 194 -7.16 -11.38 -1.29
C VAL A 194 -7.51 -12.43 -0.25
N LEU A 195 -7.69 -11.94 0.96
CA LEU A 195 -8.01 -12.78 2.10
C LEU A 195 -9.34 -13.49 1.94
N SER A 196 -10.35 -12.80 1.37
CA SER A 196 -11.68 -13.37 1.09
C SER A 196 -11.66 -14.42 0.00
N ALA A 197 -10.67 -14.32 -0.89
CA ALA A 197 -10.48 -15.33 -1.91
C ALA A 197 -9.75 -16.54 -1.36
N ALA A 198 -8.65 -16.34 -0.64
CA ALA A 198 -7.86 -17.45 -0.06
C ALA A 198 -8.52 -18.17 1.13
N ASN A 199 -9.41 -17.45 1.80
CA ASN A 199 -10.14 -17.94 2.96
C ASN A 199 -11.63 -17.73 2.68
N PRO A 200 -12.16 -18.58 1.80
CA PRO A 200 -13.55 -18.45 1.35
C PRO A 200 -14.49 -18.98 2.42
N GLU A 201 -15.78 -19.08 2.10
CA GLU A 201 -16.75 -19.60 3.04
C GLU A 201 -16.33 -21.02 3.38
N LYS A 202 -16.67 -21.41 4.60
CA LYS A 202 -16.58 -22.77 5.04
C LYS A 202 -17.26 -23.70 4.04
N GLY A 203 -16.68 -24.87 3.86
CA GLY A 203 -17.12 -25.84 2.89
C GLY A 203 -16.82 -25.47 1.45
N LYS A 204 -15.87 -24.57 1.21
CA LYS A 204 -15.55 -24.15 -0.15
C LYS A 204 -14.06 -24.23 -0.46
N GLU A 205 -13.77 -24.57 -1.71
CA GLU A 205 -12.42 -24.55 -2.26
C GLU A 205 -11.95 -23.12 -2.34
N MET A 206 -10.71 -22.91 -1.99
CA MET A 206 -10.00 -21.68 -2.35
C MET A 206 -10.49 -21.09 -3.70
N ARG A 207 -10.78 -19.80 -3.69
CA ARG A 207 -11.11 -19.04 -4.87
C ARG A 207 -9.88 -18.69 -5.69
N THR A 208 -10.14 -18.26 -6.92
CA THR A 208 -9.14 -17.84 -7.89
C THR A 208 -9.16 -16.32 -8.02
N PRO A 209 -8.13 -15.74 -8.64
CA PRO A 209 -8.16 -14.30 -8.95
C PRO A 209 -9.36 -13.87 -9.81
N ASP A 210 -9.91 -14.76 -10.63
CA ASP A 210 -11.15 -14.46 -11.37
C ASP A 210 -12.32 -14.10 -10.46
N HIS A 211 -12.40 -14.75 -9.29
CA HIS A 211 -13.39 -14.38 -8.27
C HIS A 211 -13.14 -13.00 -7.71
N GLU A 212 -11.88 -12.69 -7.48
CA GLU A 212 -11.50 -11.36 -7.02
C GLU A 212 -12.01 -10.29 -7.99
N ASP A 213 -11.72 -10.50 -9.27
CA ASP A 213 -12.10 -9.59 -10.33
C ASP A 213 -13.60 -9.49 -10.40
N THR A 214 -14.26 -10.64 -10.27
CA THR A 214 -15.72 -10.71 -10.40
C THR A 214 -16.36 -9.98 -9.24
N PHE A 215 -15.76 -10.12 -8.06
CA PHE A 215 -16.23 -9.42 -6.90
C PHE A 215 -16.22 -7.92 -7.14
N PHE A 216 -15.12 -7.37 -7.68
CA PHE A 216 -15.06 -5.92 -7.80
C PHE A 216 -15.94 -5.35 -8.91
N ARG A 217 -16.18 -6.17 -9.89
CA ARG A 217 -16.98 -5.82 -11.04
C ARG A 217 -18.45 -5.80 -10.57
N ASP A 218 -18.90 -6.88 -9.92
CA ASP A 218 -20.25 -6.93 -9.35
C ASP A 218 -20.52 -5.75 -8.45
N LEU A 219 -19.54 -5.40 -7.62
CA LEU A 219 -19.73 -4.38 -6.60
C LEU A 219 -19.66 -3.00 -7.18
N VAL A 220 -18.74 -2.78 -8.11
CA VAL A 220 -18.42 -1.40 -8.54
C VAL A 220 -18.26 -1.19 -10.05
N GLY A 221 -18.28 -2.26 -10.83
CA GLY A 221 -18.31 -2.17 -12.27
C GLY A 221 -16.94 -2.09 -12.87
N TYR A 222 -15.92 -2.30 -12.05
CA TYR A 222 -14.54 -2.25 -12.50
C TYR A 222 -13.58 -2.96 -11.55
N SER A 223 -12.72 -3.82 -12.11
CA SER A 223 -11.61 -4.41 -11.39
C SER A 223 -10.33 -3.89 -11.98
N ILE A 224 -9.50 -3.30 -11.16
CA ILE A 224 -8.21 -2.78 -11.62
C ILE A 224 -7.19 -3.91 -11.91
N GLY A 225 -7.42 -5.10 -11.35
CA GLY A 225 -6.53 -6.24 -11.56
C GLY A 225 -5.37 -6.35 -10.56
N THR A 226 -4.73 -7.51 -10.53
CA THR A 226 -3.73 -7.84 -9.50
C THR A 226 -2.49 -6.97 -9.63
N LEU A 227 -1.96 -6.86 -10.83
CA LEU A 227 -0.85 -5.97 -11.04
C LEU A 227 -1.29 -4.53 -10.72
N GLY A 228 -2.44 -4.14 -11.21
CA GLY A 228 -2.94 -2.77 -11.08
C GLY A 228 -3.10 -2.26 -9.65
N ILE A 229 -3.67 -3.09 -8.77
CA ILE A 229 -3.93 -2.66 -7.39
C ILE A 229 -2.63 -2.39 -6.63
N HIS A 230 -1.60 -3.19 -6.87
CA HIS A 230 -0.30 -2.95 -6.26
C HIS A 230 0.36 -1.72 -6.90
N ARG A 231 0.15 -1.52 -8.21
CA ARG A 231 0.54 -0.27 -8.88
C ARG A 231 -0.14 0.93 -8.17
N LEU A 232 -1.45 0.77 -7.94
CA LEU A 232 -2.29 1.81 -7.36
C LEU A 232 -1.92 2.18 -5.93
N GLY A 233 -1.71 1.17 -5.08
CA GLY A 233 -1.31 1.39 -3.71
C GLY A 233 0.03 2.12 -3.62
N LEU A 234 0.98 1.71 -4.43
CA LEU A 234 2.26 2.43 -4.50
C LEU A 234 2.05 3.89 -4.95
N LEU A 235 1.21 4.12 -5.96
CA LEU A 235 0.93 5.47 -6.44
C LEU A 235 0.16 6.34 -5.42
N LEU A 236 -0.76 5.74 -4.67
CA LEU A 236 -1.57 6.52 -3.74
C LEU A 236 -0.72 6.95 -2.55
N SER A 237 -0.02 5.99 -1.95
CA SER A 237 0.85 6.32 -0.83
C SER A 237 1.95 7.33 -1.22
N LEU A 238 2.59 7.13 -2.37
CA LEU A 238 3.65 8.02 -2.84
C LEU A 238 3.12 9.42 -3.16
N SER A 239 1.98 9.48 -3.84
CA SER A 239 1.35 10.76 -4.11
C SER A 239 0.94 11.49 -2.82
N ALA A 240 0.50 10.76 -1.80
CA ALA A 240 0.17 11.38 -0.53
C ALA A 240 1.38 12.10 0.06
N VAL A 241 2.53 11.46 0.02
CA VAL A 241 3.74 12.04 0.58
C VAL A 241 4.31 13.17 -0.32
N PHE A 242 4.15 13.08 -1.63
CA PHE A 242 4.62 14.14 -2.53
C PHE A 242 3.87 15.46 -2.25
N PHE A 243 2.55 15.36 -2.21
CA PHE A 243 1.67 16.49 -1.91
C PHE A 243 1.78 16.96 -0.45
N SER A 244 2.23 16.10 0.46
CA SER A 244 2.50 16.56 1.83
C SER A 244 3.72 17.47 1.77
N ALA A 245 4.79 16.96 1.16
CA ALA A 245 6.01 17.73 0.95
C ALA A 245 5.74 19.03 0.19
N LEU A 246 4.94 18.94 -0.86
CA LEU A 246 4.59 20.12 -1.66
C LEU A 246 3.80 21.15 -0.84
N CYS A 247 2.91 20.69 0.03
CA CYS A 247 2.01 21.63 0.74
C CYS A 247 2.78 22.38 1.82
N MET A 248 3.88 21.80 2.26
CA MET A 248 4.75 22.47 3.21
C MET A 248 5.81 23.33 2.53
N ILE A 249 6.38 22.83 1.42
CA ILE A 249 7.44 23.58 0.73
C ILE A 249 6.95 24.94 0.19
N ILE A 250 5.64 25.05 -0.10
CA ILE A 250 5.04 26.30 -0.56
C ILE A 250 4.53 27.19 0.58
N THR A 251 4.42 26.61 1.76
CA THR A 251 3.99 27.32 2.97
C THR A 251 5.19 28.01 3.59
N GLY A 252 5.08 29.32 3.82
CA GLY A 252 6.17 30.14 4.34
C GLY A 252 7.22 30.64 3.34
N THR A 253 7.12 30.21 2.08
CA THR A 253 8.09 30.55 1.04
C THR A 253 7.46 31.35 -0.10
N ILE A 254 6.36 30.83 -0.65
CA ILE A 254 5.56 31.50 -1.68
C ILE A 254 4.10 31.80 -1.23
N TRP A 255 3.75 31.37 -0.01
CA TRP A 255 2.46 31.67 0.61
C TRP A 255 2.67 32.00 2.09
N PHE A 256 2.06 33.09 2.54
CA PHE A 256 2.31 33.65 3.88
C PHE A 256 1.06 33.99 4.70
N ASP A 257 -0.12 33.91 4.08
CA ASP A 257 -1.36 34.34 4.72
C ASP A 257 -2.13 33.14 5.24
N GLN A 258 -3.32 33.41 5.79
CA GLN A 258 -4.27 32.36 6.08
C GLN A 258 -4.68 31.71 4.75
N TRP A 259 -4.63 30.39 4.71
CA TRP A 259 -4.85 29.61 3.49
C TRP A 259 -6.26 29.71 2.90
N VAL A 260 -7.27 29.95 3.75
CA VAL A 260 -8.63 30.24 3.27
C VAL A 260 -8.67 31.37 2.22
N ASP A 261 -7.81 32.38 2.35
CA ASP A 261 -7.71 33.49 1.38
C ASP A 261 -7.32 33.06 -0.05
N TRP A 262 -6.57 31.97 -0.18
CA TRP A 262 -6.25 31.36 -1.48
C TRP A 262 -7.52 31.14 -2.31
N TRP A 263 -8.60 30.73 -1.66
CA TRP A 263 -9.84 30.40 -2.36
C TRP A 263 -10.70 31.59 -2.83
N GLN A 264 -10.12 32.79 -2.89
CA GLN A 264 -10.78 33.94 -3.55
C GLN A 264 -10.53 33.94 -5.07
N TRP A 265 -9.45 33.29 -5.52
CA TRP A 265 -9.23 33.08 -6.97
C TRP A 265 -10.49 32.56 -7.67
N TRP A 266 -11.35 31.88 -6.90
CA TRP A 266 -12.62 31.35 -7.38
C TRP A 266 -13.81 32.24 -7.02
N VAL A 267 -13.85 32.72 -5.77
CA VAL A 267 -15.01 33.45 -5.26
C VAL A 267 -15.06 34.86 -5.82
N LYS A 268 -14.08 35.67 -5.42
CA LYS A 268 -14.07 37.10 -5.75
C LYS A 268 -13.69 37.40 -7.20
N LEU A 269 -13.64 36.37 -8.05
CA LEU A 269 -13.55 36.52 -9.51
C LEU A 269 -14.53 37.58 -10.06
N PRO A 270 -14.02 38.61 -10.75
CA PRO A 270 -14.79 39.83 -11.06
C PRO A 270 -16.26 39.75 -11.51
N TRP A 271 -16.67 38.73 -12.28
CA TRP A 271 -18.04 38.71 -12.84
C TRP A 271 -19.11 38.32 -11.81
N TRP A 272 -19.01 37.14 -11.21
CA TRP A 272 -19.97 36.75 -10.18
C TRP A 272 -19.60 37.25 -8.77
N ALA A 273 -18.46 37.92 -8.63
CA ALA A 273 -18.00 38.40 -7.32
C ALA A 273 -19.02 39.30 -6.63
N ASN A 274 -19.68 40.16 -7.40
CA ASN A 274 -20.62 41.15 -6.85
C ASN A 274 -22.10 40.73 -6.89
N ILE A 275 -22.42 39.65 -7.61
CA ILE A 275 -23.81 39.16 -7.68
C ILE A 275 -24.36 38.95 -6.26
N PRO A 276 -25.50 39.57 -5.95
CA PRO A 276 -26.10 39.41 -4.61
C PRO A 276 -26.59 37.98 -4.33
N GLY A 277 -26.55 37.58 -3.06
CA GLY A 277 -27.01 36.27 -2.63
C GLY A 277 -25.89 35.31 -2.30
N GLY A 278 -26.23 34.04 -2.12
CA GLY A 278 -25.25 33.02 -1.76
C GLY A 278 -24.63 33.24 -0.40
N ILE A 279 -23.43 32.71 -0.21
CA ILE A 279 -22.70 32.85 1.05
C ILE A 279 -21.83 34.11 1.05
N ASN A 280 -21.23 34.42 -0.09
CA ASN A 280 -20.27 35.54 -0.22
C ASN A 280 -20.78 36.73 -1.04
N GLY A 281 -22.09 37.00 -0.96
CA GLY A 281 -22.70 38.08 -1.73
C GLY A 281 -23.69 38.92 -0.96
N ALA B 1 18.48 2.19 -19.28
CA ALA B 1 17.89 1.87 -17.95
C ALA B 1 17.01 0.62 -18.02
N GLU B 2 16.72 -0.40 -17.20
CA GLU B 2 15.63 -1.36 -17.09
C GLU B 2 14.27 -0.64 -17.20
N TYR B 3 13.20 -1.43 -17.16
CA TYR B 3 11.83 -0.92 -17.26
C TYR B 3 11.07 -1.35 -15.99
N GLN B 4 10.16 -0.51 -15.48
CA GLN B 4 9.74 -0.62 -14.07
C GLN B 4 8.37 -1.25 -13.75
N ASN B 5 7.55 -1.56 -14.76
CA ASN B 5 6.25 -2.20 -14.52
C ASN B 5 5.27 -1.31 -13.73
N ILE B 6 5.38 0.00 -13.93
CA ILE B 6 4.44 0.96 -13.36
C ILE B 6 3.32 1.16 -14.37
N PHE B 7 3.73 1.31 -15.63
CA PHE B 7 2.83 1.39 -16.78
C PHE B 7 3.18 0.25 -17.71
N SER B 8 2.17 -0.30 -18.39
CA SER B 8 2.36 -1.45 -19.27
C SER B 8 3.01 -1.02 -20.59
N GLN B 9 3.84 -1.88 -21.17
CA GLN B 9 4.53 -1.56 -22.43
C GLN B 9 3.60 -1.83 -23.59
N VAL B 10 3.00 -3.02 -23.57
CA VAL B 10 2.12 -3.46 -24.60
C VAL B 10 0.83 -3.92 -23.96
N GLN B 11 -0.27 -3.26 -24.31
CA GLN B 11 -1.60 -3.69 -23.89
C GLN B 11 -2.05 -4.84 -24.77
N VAL B 12 -2.86 -5.72 -24.19
CA VAL B 12 -3.34 -6.92 -24.87
C VAL B 12 -4.82 -7.02 -24.56
N ARG B 13 -5.64 -7.32 -25.57
CA ARG B 13 -7.10 -7.27 -25.42
C ARG B 13 -7.75 -8.48 -26.07
N GLY B 14 -8.72 -9.08 -25.39
CA GLY B 14 -9.40 -10.27 -25.87
C GLY B 14 -10.87 -10.26 -25.53
N PRO B 15 -11.56 -11.38 -25.70
CA PRO B 15 -12.97 -11.45 -25.31
C PRO B 15 -13.14 -11.03 -23.86
N ALA B 16 -14.14 -10.17 -23.63
CA ALA B 16 -14.48 -9.70 -22.30
C ALA B 16 -14.72 -10.87 -21.35
N ASP B 17 -14.18 -10.76 -20.14
CA ASP B 17 -14.50 -11.71 -19.09
C ASP B 17 -15.86 -11.37 -18.49
N LEU B 18 -16.81 -12.31 -18.59
CA LEU B 18 -18.17 -12.09 -18.04
C LEU B 18 -18.23 -12.41 -16.54
N GLY B 19 -17.15 -13.02 -16.04
CA GLY B 19 -16.99 -13.25 -14.63
C GLY B 19 -17.45 -14.62 -14.20
N MET B 20 -17.15 -14.93 -12.93
CA MET B 20 -17.49 -16.21 -12.32
C MET B 20 -18.96 -16.21 -11.97
N THR B 21 -19.57 -17.38 -12.08
CA THR B 21 -21.01 -17.52 -11.89
C THR B 21 -21.33 -17.92 -10.47
N GLU B 22 -20.84 -19.09 -10.06
CA GLU B 22 -21.00 -19.48 -8.67
C GLU B 22 -22.52 -19.40 -8.36
N ASP B 23 -22.94 -18.73 -7.29
CA ASP B 23 -24.37 -18.55 -6.99
C ASP B 23 -24.86 -17.14 -7.28
N VAL B 24 -24.06 -16.37 -8.03
CA VAL B 24 -24.53 -15.06 -8.48
C VAL B 24 -25.75 -15.27 -9.37
N ASN B 25 -26.80 -14.52 -9.07
CA ASN B 25 -28.00 -14.46 -9.89
C ASN B 25 -27.75 -13.60 -11.13
N LEU B 26 -27.49 -14.24 -12.27
CA LEU B 26 -27.10 -13.54 -13.49
C LEU B 26 -28.14 -12.55 -14.07
N ALA B 27 -29.40 -12.65 -13.66
CA ALA B 27 -30.46 -11.70 -14.10
C ALA B 27 -30.18 -10.25 -13.69
N ASN B 28 -29.44 -10.09 -12.59
CA ASN B 28 -29.15 -8.77 -12.02
C ASN B 28 -27.77 -8.29 -12.46
N ARG B 29 -27.15 -8.99 -13.40
CA ARG B 29 -25.85 -8.62 -13.90
C ARG B 29 -26.05 -7.98 -15.24
N SER B 30 -25.36 -6.86 -15.47
CA SER B 30 -25.57 -6.01 -16.64
C SER B 30 -24.80 -6.55 -17.85
N GLY B 31 -24.96 -5.89 -19.00
CA GLY B 31 -24.10 -6.12 -20.15
C GLY B 31 -22.71 -5.58 -19.87
N VAL B 32 -21.74 -6.02 -20.68
CA VAL B 32 -20.35 -5.59 -20.55
C VAL B 32 -20.17 -4.18 -21.13
N GLY B 33 -19.36 -3.36 -20.46
CA GLY B 33 -19.07 -2.01 -20.91
C GLY B 33 -18.01 -1.95 -21.99
N PRO B 34 -17.60 -0.74 -22.37
CA PRO B 34 -16.51 -0.57 -23.35
C PRO B 34 -15.12 -0.73 -22.72
N PHE B 35 -14.11 -0.96 -23.56
CA PHE B 35 -12.72 -1.07 -23.09
C PHE B 35 -12.06 0.32 -23.14
N SER B 36 -11.35 0.66 -22.08
CA SER B 36 -10.64 1.93 -22.00
C SER B 36 -9.13 1.72 -22.11
N THR B 37 -8.56 2.09 -23.26
CA THR B 37 -7.12 2.01 -23.49
C THR B 37 -6.36 2.85 -22.49
N LEU B 38 -6.91 4.02 -22.17
CA LEU B 38 -6.31 4.90 -21.15
C LEU B 38 -6.11 4.14 -19.83
N LEU B 39 -7.14 3.47 -19.36
CA LEU B 39 -7.05 2.67 -18.14
C LEU B 39 -6.15 1.46 -18.30
N GLY B 40 -6.11 0.85 -19.48
CA GLY B 40 -5.29 -0.32 -19.73
C GLY B 40 -3.77 -0.15 -19.63
N TRP B 41 -3.29 1.10 -19.62
CA TRP B 41 -1.86 1.35 -19.39
C TRP B 41 -1.49 1.11 -17.92
N PHE B 42 -2.44 1.30 -17.03
CA PHE B 42 -2.21 1.23 -15.59
C PHE B 42 -2.85 0.00 -14.92
N GLY B 43 -4.04 -0.39 -15.37
CA GLY B 43 -4.73 -1.57 -14.90
C GLY B 43 -5.46 -2.27 -16.03
N ASN B 44 -6.53 -2.98 -15.71
CA ASN B 44 -7.36 -3.62 -16.74
C ASN B 44 -8.16 -2.61 -17.56
N ALA B 45 -8.28 -2.90 -18.85
CA ALA B 45 -9.07 -2.05 -19.74
C ALA B 45 -10.58 -2.28 -19.65
N GLN B 46 -11.02 -3.43 -19.13
CA GLN B 46 -12.45 -3.77 -19.18
C GLN B 46 -13.29 -2.91 -18.24
N LEU B 47 -14.42 -2.43 -18.74
CA LEU B 47 -15.42 -1.78 -17.90
C LEU B 47 -16.60 -2.74 -17.83
N GLY B 48 -17.18 -2.90 -16.65
CA GLY B 48 -18.33 -3.78 -16.45
C GLY B 48 -17.97 -5.25 -16.50
N PRO B 49 -18.96 -6.13 -16.38
CA PRO B 49 -20.33 -5.76 -16.03
C PRO B 49 -20.43 -5.40 -14.56
N ILE B 50 -21.58 -4.87 -14.17
CA ILE B 50 -21.88 -4.56 -12.77
C ILE B 50 -23.19 -5.23 -12.38
N TYR B 51 -23.32 -5.56 -11.09
CA TYR B 51 -24.48 -6.26 -10.56
C TYR B 51 -25.30 -5.24 -9.77
N LEU B 52 -26.60 -5.19 -10.01
CA LEU B 52 -27.50 -4.38 -9.19
C LEU B 52 -28.69 -5.25 -8.76
N GLY B 53 -28.83 -5.50 -7.46
CA GLY B 53 -29.97 -6.26 -6.95
C GLY B 53 -30.95 -5.38 -6.18
N SER B 54 -31.83 -6.01 -5.41
CA SER B 54 -32.80 -5.24 -4.60
C SER B 54 -32.10 -4.17 -3.77
N LEU B 55 -31.02 -4.57 -3.08
CA LEU B 55 -30.36 -3.72 -2.10
C LEU B 55 -29.49 -2.65 -2.74
N GLY B 56 -28.89 -2.92 -3.90
CA GLY B 56 -28.06 -1.97 -4.62
C GLY B 56 -28.84 -0.80 -5.23
N VAL B 57 -29.98 -1.13 -5.83
CA VAL B 57 -30.94 -0.14 -6.33
C VAL B 57 -31.49 0.72 -5.19
N LEU B 58 -31.84 0.09 -4.07
CA LEU B 58 -32.24 0.83 -2.87
C LEU B 58 -31.12 1.77 -2.45
N SER B 59 -29.87 1.27 -2.48
CA SER B 59 -28.74 2.06 -2.00
C SER B 59 -28.53 3.27 -2.90
N LEU B 60 -28.58 3.01 -4.19
CA LEU B 60 -28.42 4.04 -5.20
C LEU B 60 -29.55 5.05 -5.09
N PHE B 61 -30.76 4.58 -4.80
CA PHE B 61 -31.93 5.47 -4.71
C PHE B 61 -31.80 6.40 -3.51
N SER B 62 -31.47 5.85 -2.34
CA SER B 62 -31.31 6.67 -1.14
C SER B 62 -30.12 7.61 -1.30
N GLY B 63 -29.09 7.17 -2.00
CA GLY B 63 -27.91 7.98 -2.22
C GLY B 63 -28.14 9.14 -3.19
N LEU B 64 -28.97 8.93 -4.20
CA LEU B 64 -29.36 10.01 -5.12
C LEU B 64 -30.29 10.99 -4.42
N MET B 65 -31.12 10.49 -3.50
CA MET B 65 -32.05 11.33 -2.74
C MET B 65 -31.29 12.17 -1.72
N TRP B 66 -30.17 11.63 -1.25
CA TRP B 66 -29.25 12.34 -0.38
C TRP B 66 -28.61 13.51 -1.14
N PHE B 67 -28.07 13.22 -2.32
CA PHE B 67 -27.39 14.20 -3.16
C PHE B 67 -28.39 15.25 -3.64
N PHE B 68 -29.61 14.81 -3.92
CA PHE B 68 -30.67 15.69 -4.44
C PHE B 68 -31.15 16.63 -3.34
N THR B 69 -31.18 16.14 -2.10
CA THR B 69 -31.59 16.94 -0.94
C THR B 69 -30.58 18.04 -0.58
N ILE B 70 -29.30 17.68 -0.58
CA ILE B 70 -28.22 18.64 -0.39
C ILE B 70 -28.24 19.65 -1.55
N GLY B 71 -28.39 19.12 -2.77
CA GLY B 71 -28.45 19.91 -3.98
C GLY B 71 -29.57 20.93 -4.01
N ILE B 72 -30.79 20.53 -3.68
CA ILE B 72 -31.93 21.44 -3.67
C ILE B 72 -31.74 22.50 -2.60
N TRP B 73 -31.14 22.11 -1.47
CA TRP B 73 -30.83 23.07 -0.42
C TRP B 73 -29.75 24.06 -0.87
N PHE B 74 -28.79 23.59 -1.68
CA PHE B 74 -27.69 24.43 -2.13
C PHE B 74 -28.19 25.47 -3.11
N TRP B 75 -29.09 25.05 -4.00
CA TRP B 75 -29.73 25.95 -4.97
C TRP B 75 -30.55 27.03 -4.24
N TYR B 76 -31.23 26.65 -3.15
CA TYR B 76 -31.98 27.60 -2.33
C TYR B 76 -31.07 28.63 -1.67
N GLN B 77 -29.90 28.21 -1.21
CA GLN B 77 -28.96 29.14 -0.59
C GLN B 77 -28.36 30.07 -1.66
N ALA B 78 -28.39 29.60 -2.90
CA ALA B 78 -27.86 30.34 -4.04
C ALA B 78 -28.92 31.28 -4.68
N GLY B 79 -30.15 31.24 -4.21
CA GLY B 79 -31.23 32.01 -4.79
C GLY B 79 -31.53 31.61 -6.22
N TRP B 80 -31.35 30.34 -6.54
CA TRP B 80 -31.69 29.77 -7.85
C TRP B 80 -30.86 30.36 -8.99
N ASN B 81 -29.70 30.92 -8.64
CA ASN B 81 -28.81 31.60 -9.57
C ASN B 81 -27.65 30.66 -9.93
N PRO B 82 -27.59 30.16 -11.17
CA PRO B 82 -26.46 29.30 -11.61
C PRO B 82 -25.07 29.91 -11.37
N ALA B 83 -24.91 31.20 -11.60
CA ALA B 83 -23.63 31.86 -11.34
C ALA B 83 -23.24 31.70 -9.86
N VAL B 84 -24.18 31.99 -8.96
CA VAL B 84 -23.91 31.91 -7.52
C VAL B 84 -23.65 30.48 -7.05
N PHE B 85 -24.33 29.53 -7.68
CA PHE B 85 -24.23 28.12 -7.33
C PHE B 85 -22.82 27.62 -7.54
N LEU B 86 -22.24 28.01 -8.67
CA LEU B 86 -20.87 27.57 -9.00
C LEU B 86 -19.85 28.28 -8.12
N ARG B 87 -20.03 29.58 -7.86
CA ARG B 87 -18.99 30.29 -7.14
C ARG B 87 -18.92 29.94 -5.65
N ASP B 88 -20.06 29.57 -5.07
CA ASP B 88 -20.16 29.28 -3.66
C ASP B 88 -20.47 27.81 -3.42
N LEU B 89 -20.21 26.98 -4.43
CA LEU B 89 -20.47 25.54 -4.35
C LEU B 89 -19.89 24.96 -3.06
N PHE B 90 -18.67 25.38 -2.72
CA PHE B 90 -17.90 24.79 -1.63
C PHE B 90 -18.22 25.44 -0.28
N PHE B 91 -18.82 26.63 -0.32
CA PHE B 91 -19.19 27.37 0.88
C PHE B 91 -20.61 27.06 1.37
N PHE B 92 -21.43 26.44 0.52
CA PHE B 92 -22.78 26.06 0.91
C PHE B 92 -22.72 25.01 2.00
N SER B 93 -23.68 25.06 2.93
CA SER B 93 -23.74 24.10 4.02
C SER B 93 -25.18 23.79 4.43
N LEU B 94 -25.50 22.50 4.48
CA LEU B 94 -26.77 22.02 5.00
C LEU B 94 -26.48 21.60 6.44
N GLU B 95 -26.80 22.48 7.38
CA GLU B 95 -26.42 22.29 8.77
C GLU B 95 -27.49 21.51 9.49
N PRO B 96 -27.12 20.79 10.57
CA PRO B 96 -28.12 20.16 11.43
C PRO B 96 -28.90 21.21 12.21
N PRO B 97 -29.97 20.80 12.88
CA PRO B 97 -30.78 21.72 13.69
C PRO B 97 -29.93 22.37 14.78
N ALA B 98 -30.36 23.54 15.24
CA ALA B 98 -29.73 24.21 16.37
C ALA B 98 -29.89 23.39 17.66
N PRO B 99 -29.07 23.64 18.67
CA PRO B 99 -29.16 22.93 19.98
C PRO B 99 -30.52 23.04 20.69
N GLU B 100 -31.22 24.16 20.51
CA GLU B 100 -32.59 24.32 21.01
C GLU B 100 -33.50 23.13 20.70
N TYR B 101 -33.33 22.51 19.53
CA TYR B 101 -34.19 21.38 19.11
C TYR B 101 -33.86 20.00 19.70
N GLY B 102 -32.73 19.86 20.39
CA GLY B 102 -32.33 18.58 20.96
C GLY B 102 -32.28 17.50 19.90
N LEU B 103 -32.85 16.33 20.20
CA LEU B 103 -32.89 15.23 19.24
C LEU B 103 -34.25 15.10 18.55
N SER B 104 -35.07 16.16 18.62
CA SER B 104 -36.39 16.14 18.00
C SER B 104 -36.28 16.09 16.48
N PHE B 105 -37.25 15.43 15.83
CA PHE B 105 -37.34 15.39 14.38
C PHE B 105 -38.30 16.48 13.88
N ALA B 106 -38.65 17.42 14.75
CA ALA B 106 -39.68 18.41 14.47
C ALA B 106 -39.07 19.77 14.24
N ALA B 107 -37.90 19.79 13.60
CA ALA B 107 -37.29 21.03 13.14
C ALA B 107 -37.90 21.39 11.78
N PRO B 108 -38.22 22.67 11.56
CA PRO B 108 -38.67 23.13 10.24
C PRO B 108 -37.65 22.83 9.14
N LEU B 109 -38.14 22.66 7.91
CA LEU B 109 -37.30 22.31 6.76
C LEU B 109 -36.08 23.21 6.61
N LYS B 110 -36.25 24.51 6.81
CA LYS B 110 -35.16 25.45 6.56
C LYS B 110 -34.28 25.73 7.80
N GLU B 111 -34.48 24.95 8.87
CA GLU B 111 -33.69 25.09 10.11
C GLU B 111 -33.22 23.74 10.68
N GLY B 112 -32.94 22.78 9.81
CA GLY B 112 -32.42 21.48 10.26
C GLY B 112 -33.22 20.28 9.77
N GLY B 113 -34.51 20.46 9.54
CA GLY B 113 -35.38 19.41 9.02
C GLY B 113 -34.87 18.72 7.77
N LEU B 114 -34.39 19.53 6.82
CA LEU B 114 -33.82 19.00 5.58
C LEU B 114 -32.52 18.22 5.85
N TRP B 115 -31.73 18.67 6.82
CA TRP B 115 -30.52 17.94 7.23
C TRP B 115 -30.87 16.53 7.70
N LEU B 116 -31.93 16.45 8.50
CA LEU B 116 -32.41 15.20 9.06
C LEU B 116 -32.91 14.26 7.96
N ILE B 117 -33.47 14.87 6.92
CA ILE B 117 -34.00 14.10 5.80
C ILE B 117 -32.82 13.57 5.00
N ALA B 118 -31.87 14.45 4.67
CA ALA B 118 -30.64 14.05 3.99
C ALA B 118 -29.95 12.93 4.78
N SER B 119 -29.89 13.07 6.10
CA SER B 119 -29.25 12.08 6.94
C SER B 119 -29.95 10.74 6.89
N PHE B 120 -31.28 10.74 6.89
CA PHE B 120 -32.06 9.51 6.78
C PHE B 120 -31.63 8.77 5.51
N PHE B 121 -31.58 9.51 4.40
CA PHE B 121 -31.28 8.95 3.09
C PHE B 121 -29.83 8.43 3.01
N MET B 122 -28.89 9.18 3.59
CA MET B 122 -27.53 8.72 3.65
C MET B 122 -27.41 7.43 4.49
N PHE B 123 -28.16 7.36 5.60
CA PHE B 123 -28.14 6.20 6.51
C PHE B 123 -28.62 4.94 5.78
N VAL B 124 -29.70 5.05 4.99
CA VAL B 124 -30.22 3.92 4.24
C VAL B 124 -29.25 3.55 3.15
N ALA B 125 -28.63 4.54 2.52
CA ALA B 125 -27.71 4.31 1.40
C ALA B 125 -26.44 3.54 1.81
N VAL B 126 -25.90 3.85 2.97
CA VAL B 126 -24.65 3.25 3.45
C VAL B 126 -24.87 1.85 3.98
N TRP B 127 -25.89 1.71 4.81
CA TRP B 127 -26.26 0.39 5.31
C TRP B 127 -26.76 -0.54 4.21
N SER B 128 -27.38 0.00 3.16
CA SER B 128 -27.80 -0.80 2.01
C SER B 128 -26.59 -1.31 1.25
N TRP B 129 -25.66 -0.40 0.97
CA TRP B 129 -24.38 -0.75 0.37
C TRP B 129 -23.57 -1.76 1.19
N TRP B 130 -23.63 -1.67 2.53
CA TRP B 130 -22.86 -2.59 3.38
C TRP B 130 -23.43 -3.99 3.22
N GLY B 131 -24.75 -4.11 3.36
CA GLY B 131 -25.42 -5.36 3.12
C GLY B 131 -25.06 -5.91 1.73
N ARG B 132 -24.88 -5.00 0.76
CA ARG B 132 -24.47 -5.36 -0.60
C ARG B 132 -23.04 -5.91 -0.74
N THR B 133 -22.06 -5.32 -0.04
CA THR B 133 -20.69 -5.85 -0.09
C THR B 133 -20.70 -7.27 0.47
N TYR B 134 -21.55 -7.51 1.49
CA TYR B 134 -21.68 -8.83 2.08
C TYR B 134 -22.27 -9.82 1.07
N LEU B 135 -23.38 -9.41 0.45
CA LEU B 135 -24.14 -10.25 -0.47
C LEU B 135 -23.35 -10.61 -1.73
N ARG B 136 -22.66 -9.65 -2.33
CA ARG B 136 -21.79 -9.95 -3.48
C ARG B 136 -20.73 -10.99 -3.15
N ALA B 137 -20.12 -10.88 -1.96
CA ALA B 137 -19.14 -11.90 -1.52
C ALA B 137 -19.79 -13.27 -1.24
N GLN B 138 -20.92 -13.29 -0.59
CA GLN B 138 -21.63 -14.52 -0.30
C GLN B 138 -22.01 -15.27 -1.59
N ALA B 139 -22.42 -14.53 -2.60
CA ALA B 139 -22.92 -15.14 -3.81
C ALA B 139 -21.79 -15.79 -4.55
N LEU B 140 -20.58 -15.26 -4.37
CA LEU B 140 -19.38 -15.84 -4.98
C LEU B 140 -18.67 -16.88 -4.11
N GLY B 141 -19.13 -17.11 -2.89
CA GLY B 141 -18.54 -18.12 -2.00
C GLY B 141 -17.32 -17.60 -1.28
N MET B 142 -17.12 -16.31 -1.29
CA MET B 142 -15.94 -15.72 -0.70
C MET B 142 -16.24 -15.38 0.75
N GLY B 143 -15.18 -15.22 1.53
CA GLY B 143 -15.29 -14.76 2.89
C GLY B 143 -15.80 -13.35 2.93
N LYS B 144 -16.10 -12.88 4.14
CA LYS B 144 -16.81 -11.61 4.34
C LYS B 144 -15.86 -10.52 4.85
N HIS B 145 -14.57 -10.63 4.52
CA HIS B 145 -13.57 -9.66 4.98
C HIS B 145 -13.87 -8.23 4.54
N THR B 146 -14.49 -8.08 3.37
CA THR B 146 -14.69 -6.73 2.82
C THR B 146 -15.77 -6.01 3.60
N ALA B 147 -16.87 -6.72 3.87
CA ALA B 147 -17.94 -6.16 4.67
C ALA B 147 -17.50 -5.87 6.10
N TRP B 148 -16.61 -6.70 6.65
CA TRP B 148 -16.12 -6.50 8.02
C TRP B 148 -15.24 -5.25 8.10
N ALA B 149 -14.41 -5.05 7.09
CA ALA B 149 -13.51 -3.89 7.01
C ALA B 149 -14.29 -2.61 6.80
N PHE B 150 -15.37 -2.71 6.03
CA PHE B 150 -16.24 -1.59 5.72
C PHE B 150 -17.03 -1.16 6.99
N LEU B 151 -17.36 -2.12 7.87
CA LEU B 151 -17.99 -1.78 9.14
C LEU B 151 -17.10 -0.82 9.92
N SER B 152 -15.79 -0.96 9.78
CA SER B 152 -14.89 -0.06 10.50
C SER B 152 -14.98 1.38 10.00
N ALA B 153 -15.13 1.57 8.69
CA ALA B 153 -15.36 2.93 8.17
C ALA B 153 -16.74 3.43 8.58
N ILE B 154 -17.73 2.54 8.51
CA ILE B 154 -19.09 2.90 8.85
C ILE B 154 -19.16 3.34 10.32
N TRP B 155 -18.40 2.69 11.18
CA TRP B 155 -18.39 3.03 12.61
C TRP B 155 -17.91 4.47 12.92
N LEU B 156 -16.89 4.95 12.22
CA LEU B 156 -16.46 6.36 12.37
C LEU B 156 -17.59 7.31 11.95
N TRP B 157 -18.19 7.01 10.81
CA TRP B 157 -19.28 7.80 10.27
C TRP B 157 -20.51 7.75 11.18
N MET B 158 -20.75 6.59 11.77
CA MET B 158 -21.88 6.41 12.67
C MET B 158 -21.69 7.25 13.94
N VAL B 159 -20.47 7.26 14.46
CA VAL B 159 -20.16 8.06 15.65
C VAL B 159 -20.28 9.56 15.35
N LEU B 160 -19.65 10.03 14.28
CA LEU B 160 -19.69 11.44 13.95
C LEU B 160 -21.10 11.99 13.76
N GLY B 161 -21.91 11.21 13.05
CA GLY B 161 -23.22 11.65 12.59
C GLY B 161 -24.37 11.32 13.51
N PHE B 162 -24.26 10.25 14.31
CA PHE B 162 -25.42 9.61 14.93
C PHE B 162 -25.21 9.19 16.40
N ILE B 163 -24.26 8.31 16.70
CA ILE B 163 -24.13 7.81 18.06
C ILE B 163 -23.69 8.92 19.00
N ARG B 164 -22.66 9.68 18.61
CA ARG B 164 -22.20 10.78 19.45
C ARG B 164 -23.24 11.91 19.59
N PRO B 165 -23.82 12.42 18.51
CA PRO B 165 -24.88 13.44 18.65
C PRO B 165 -26.04 13.01 19.54
N ILE B 166 -26.44 11.76 19.43
CA ILE B 166 -27.49 11.23 20.29
C ILE B 166 -27.07 11.20 21.77
N LEU B 167 -25.84 10.73 22.04
CA LEU B 167 -25.31 10.64 23.40
C LEU B 167 -25.14 12.04 24.02
N MET B 168 -24.98 13.06 23.18
CA MET B 168 -24.79 14.44 23.65
C MET B 168 -26.10 15.20 23.81
N GLY B 169 -27.20 14.64 23.33
CA GLY B 169 -28.53 15.21 23.54
C GLY B 169 -29.03 16.12 22.43
N SER B 170 -28.29 16.23 21.32
CA SER B 170 -28.71 17.10 20.22
C SER B 170 -28.03 16.80 18.89
N TRP B 171 -28.83 16.87 17.83
CA TRP B 171 -28.36 16.78 16.46
C TRP B 171 -27.40 17.90 16.09
N SER B 172 -27.44 19.03 16.79
CA SER B 172 -26.52 20.14 16.50
C SER B 172 -25.06 19.71 16.55
N GLU B 173 -24.76 18.60 17.22
CA GLU B 173 -23.39 18.07 17.32
C GLU B 173 -22.89 17.31 16.09
N ALA B 174 -23.76 17.03 15.12
CA ALA B 174 -23.39 16.18 13.99
C ALA B 174 -22.67 17.02 12.96
N VAL B 175 -22.14 16.33 11.95
CA VAL B 175 -21.39 16.99 10.89
C VAL B 175 -22.35 17.60 9.86
N PRO B 176 -22.14 18.86 9.50
CA PRO B 176 -22.89 19.48 8.39
C PRO B 176 -22.48 18.97 7.01
N TYR B 177 -23.39 19.09 6.03
CA TYR B 177 -23.08 18.72 4.66
C TYR B 177 -22.58 19.92 3.85
N GLY B 178 -21.28 20.13 3.92
CA GLY B 178 -20.61 21.03 3.02
C GLY B 178 -19.13 20.71 2.91
N ILE B 179 -18.52 21.08 1.80
CA ILE B 179 -17.09 20.88 1.62
C ILE B 179 -16.35 21.62 2.74
N PHE B 180 -16.39 22.94 2.70
CA PHE B 180 -15.69 23.78 3.67
C PHE B 180 -16.26 23.73 5.07
N SER B 181 -17.58 23.67 5.18
CA SER B 181 -18.23 23.67 6.49
C SER B 181 -17.82 22.44 7.30
N HIS B 182 -17.56 21.31 6.63
CA HIS B 182 -17.15 20.09 7.34
C HIS B 182 -15.73 20.22 7.86
N LEU B 183 -14.89 20.93 7.11
CA LEU B 183 -13.53 21.23 7.54
C LEU B 183 -13.57 22.13 8.77
N ASP B 184 -14.48 23.11 8.76
CA ASP B 184 -14.53 24.09 9.85
C ASP B 184 -15.03 23.41 11.10
N TRP B 185 -15.92 22.43 10.89
CA TRP B 185 -16.54 21.66 11.97
C TRP B 185 -15.47 20.82 12.68
N THR B 186 -14.54 20.29 11.89
CA THR B 186 -13.46 19.42 12.32
C THR B 186 -12.45 20.19 13.15
N ASN B 187 -12.13 21.39 12.71
CA ASN B 187 -11.23 22.28 13.45
C ASN B 187 -11.89 22.78 14.73
N ASN B 188 -13.15 23.16 14.65
CA ASN B 188 -13.89 23.59 15.84
C ASN B 188 -14.01 22.44 16.83
N PHE B 189 -14.16 21.21 16.35
CA PHE B 189 -14.26 20.04 17.22
C PHE B 189 -13.00 19.79 18.04
N SER B 190 -11.85 19.97 17.43
CA SER B 190 -10.59 19.82 18.16
C SER B 190 -10.42 20.95 19.16
N LEU B 191 -10.80 22.16 18.77
CA LEU B 191 -10.65 23.35 19.63
C LEU B 191 -11.53 23.24 20.87
N VAL B 192 -12.78 22.88 20.66
CA VAL B 192 -13.77 22.72 21.73
C VAL B 192 -13.41 21.58 22.70
N HIS B 193 -12.69 20.57 22.23
CA HIS B 193 -12.34 19.45 23.09
C HIS B 193 -10.89 19.49 23.56
N GLY B 194 -10.27 20.66 23.46
CA GLY B 194 -8.98 20.88 24.10
C GLY B 194 -7.83 20.16 23.45
N ASN B 195 -7.74 20.29 22.13
CA ASN B 195 -6.67 19.76 21.29
C ASN B 195 -6.80 18.26 21.10
N LEU B 196 -7.20 17.86 19.89
CA LEU B 196 -7.41 16.45 19.58
C LEU B 196 -6.09 15.69 19.38
N PHE B 197 -4.96 16.39 19.27
CA PHE B 197 -3.67 15.72 19.21
C PHE B 197 -3.42 14.95 20.50
N TYR B 198 -4.01 15.42 21.60
CA TYR B 198 -3.79 14.83 22.91
C TYR B 198 -4.80 13.73 23.28
N ASN B 199 -5.69 13.44 22.33
CA ASN B 199 -6.55 12.27 22.37
C ASN B 199 -5.72 11.09 21.87
N PRO B 200 -5.42 10.13 22.75
CA PRO B 200 -4.53 9.02 22.40
C PRO B 200 -5.11 8.13 21.28
N PHE B 201 -6.43 8.14 21.15
CA PHE B 201 -7.09 7.47 20.02
C PHE B 201 -6.94 8.20 18.67
N HIS B 202 -6.81 9.53 18.67
CA HIS B 202 -6.42 10.28 17.47
C HIS B 202 -4.99 9.92 17.08
N GLY B 203 -4.12 9.78 18.08
CA GLY B 203 -2.71 9.52 17.85
C GLY B 203 -2.48 8.12 17.28
N LEU B 204 -3.14 7.14 17.87
CA LEU B 204 -3.22 5.81 17.29
C LEU B 204 -3.80 5.84 15.86
N SER B 205 -4.91 6.55 15.67
CA SER B 205 -5.52 6.64 14.33
C SER B 205 -4.54 7.16 13.26
N ILE B 206 -3.75 8.15 13.65
CA ILE B 206 -2.72 8.72 12.79
C ILE B 206 -1.62 7.72 12.56
N ALA B 207 -1.18 7.04 13.62
CA ALA B 207 -0.19 5.98 13.49
C ALA B 207 -0.59 4.98 12.43
N PHE B 208 -1.87 4.60 12.41
CA PHE B 208 -2.38 3.63 11.46
C PHE B 208 -2.70 4.24 10.09
N LEU B 209 -3.01 5.53 10.05
CA LEU B 209 -3.16 6.21 8.77
C LEU B 209 -1.81 6.34 8.06
N TYR B 210 -0.83 6.91 8.75
CA TYR B 210 0.56 6.92 8.28
C TYR B 210 1.01 5.49 7.96
N GLY B 211 0.89 4.59 8.94
CA GLY B 211 1.26 3.19 8.78
C GLY B 211 0.56 2.45 7.63
N SER B 212 -0.63 2.91 7.25
CA SER B 212 -1.30 2.37 6.07
C SER B 212 -0.59 2.84 4.79
N ALA B 213 -0.06 4.06 4.79
CA ALA B 213 0.70 4.52 3.63
C ALA B 213 2.09 3.87 3.58
N LEU B 214 2.68 3.63 4.75
CA LEU B 214 3.95 2.92 4.88
C LEU B 214 3.82 1.51 4.33
N LEU B 215 2.79 0.81 4.77
CA LEU B 215 2.63 -0.59 4.41
C LEU B 215 2.20 -0.79 2.98
N PHE B 216 1.34 0.06 2.42
CA PHE B 216 1.01 -0.10 0.99
C PHE B 216 2.17 0.33 0.07
N ALA B 217 2.97 1.31 0.49
CA ALA B 217 4.18 1.65 -0.28
C ALA B 217 5.12 0.46 -0.24
N MET B 218 5.29 -0.14 0.94
CA MET B 218 6.18 -1.28 1.12
C MET B 218 5.73 -2.48 0.31
N HIS B 219 4.41 -2.75 0.30
CA HIS B 219 3.81 -3.94 -0.32
C HIS B 219 3.63 -3.75 -1.81
N GLY B 220 3.20 -2.56 -2.23
CA GLY B 220 3.12 -2.24 -3.65
C GLY B 220 4.48 -2.37 -4.32
N ALA B 221 5.46 -1.69 -3.76
CA ALA B 221 6.83 -1.78 -4.24
C ALA B 221 7.34 -3.22 -4.28
N THR B 222 7.06 -3.96 -3.20
CA THR B 222 7.57 -5.31 -3.05
C THR B 222 7.06 -6.17 -4.18
N ILE B 223 5.74 -6.14 -4.38
CA ILE B 223 5.10 -7.02 -5.34
C ILE B 223 5.54 -6.68 -6.76
N LEU B 224 5.70 -5.38 -7.04
CA LEU B 224 6.18 -4.96 -8.36
C LEU B 224 7.61 -5.41 -8.52
N ALA B 225 8.40 -5.26 -7.47
CA ALA B 225 9.80 -5.72 -7.51
C ALA B 225 9.96 -7.22 -7.76
N VAL B 226 8.96 -8.03 -7.40
CA VAL B 226 9.01 -9.47 -7.68
C VAL B 226 8.02 -9.87 -8.81
N SER B 227 7.51 -8.88 -9.54
CA SER B 227 6.59 -9.17 -10.65
C SER B 227 7.29 -9.92 -11.79
N ARG B 228 8.63 -9.78 -11.89
CA ARG B 228 9.44 -10.58 -12.81
C ARG B 228 9.43 -12.08 -12.54
N PHE B 229 8.97 -12.46 -11.33
CA PHE B 229 8.71 -13.84 -10.95
C PHE B 229 7.22 -14.10 -10.72
N GLY B 230 6.36 -13.25 -11.24
CA GLY B 230 4.93 -13.48 -11.14
C GLY B 230 4.34 -13.26 -9.75
N GLY B 231 4.96 -12.41 -8.95
CA GLY B 231 4.53 -12.23 -7.57
C GLY B 231 3.12 -11.67 -7.33
N GLU B 232 2.60 -10.92 -8.29
CA GLU B 232 1.28 -10.32 -8.15
C GLU B 232 0.16 -11.35 -8.19
N ARG B 233 0.47 -12.56 -8.65
CA ARG B 233 -0.47 -13.62 -8.62
C ARG B 233 -0.51 -14.17 -7.23
N GLU B 234 -1.07 -13.39 -6.32
CA GLU B 234 -0.85 -13.62 -4.89
C GLU B 234 -1.48 -14.96 -4.40
N LEU B 235 -2.67 -15.26 -4.89
CA LEU B 235 -3.40 -16.46 -4.52
C LEU B 235 -2.69 -17.75 -4.87
N GLU B 236 -2.02 -17.81 -6.01
CA GLU B 236 -1.29 -19.05 -6.38
C GLU B 236 0.01 -19.16 -5.58
N GLN B 237 0.61 -18.01 -5.26
CA GLN B 237 1.78 -17.99 -4.38
C GLN B 237 1.44 -18.44 -2.95
N ILE B 238 0.19 -18.21 -2.53
CA ILE B 238 -0.25 -18.68 -1.22
C ILE B 238 -0.41 -20.21 -1.19
N ALA B 239 -0.93 -20.76 -2.29
CA ALA B 239 -1.21 -22.20 -2.40
C ALA B 239 0.04 -23.03 -2.71
N ASP B 240 1.01 -22.40 -3.34
CA ASP B 240 2.21 -23.05 -3.84
C ASP B 240 3.27 -21.95 -3.96
N ARG B 241 3.94 -21.67 -2.86
CA ARG B 241 5.00 -20.66 -2.78
C ARG B 241 6.06 -20.74 -3.89
N GLY B 242 6.27 -19.62 -4.57
CA GLY B 242 7.26 -19.48 -5.63
C GLY B 242 8.43 -18.63 -5.18
N THR B 243 9.44 -18.54 -6.03
CA THR B 243 10.60 -17.74 -5.70
C THR B 243 10.23 -16.27 -5.54
N ALA B 244 9.13 -15.84 -6.14
CA ALA B 244 8.61 -14.51 -5.87
C ALA B 244 8.36 -14.24 -4.38
N ALA B 245 7.59 -15.11 -3.76
CA ALA B 245 7.21 -14.97 -2.35
C ALA B 245 8.44 -15.07 -1.44
N GLU B 246 9.38 -15.93 -1.80
CA GLU B 246 10.59 -16.18 -1.04
C GLU B 246 11.54 -14.99 -1.06
N ARG B 247 11.78 -14.43 -2.25
CA ARG B 247 12.57 -13.22 -2.40
C ARG B 247 11.97 -11.99 -1.69
N ALA B 248 10.65 -11.86 -1.75
CA ALA B 248 9.96 -10.75 -1.10
C ALA B 248 10.19 -10.83 0.39
N ALA B 249 9.97 -12.03 0.94
CA ALA B 249 10.14 -12.29 2.36
C ALA B 249 11.58 -12.03 2.78
N LEU B 250 12.51 -12.55 1.99
CA LEU B 250 13.92 -12.40 2.32
C LEU B 250 14.39 -10.98 2.22
N PHE B 251 13.82 -10.22 1.29
CA PHE B 251 14.16 -8.81 1.25
C PHE B 251 13.91 -8.17 2.60
N TRP B 252 12.74 -8.43 3.17
CA TRP B 252 12.39 -7.80 4.44
C TRP B 252 13.08 -8.40 5.65
N ARG B 253 13.27 -9.72 5.67
CA ARG B 253 13.98 -10.36 6.77
C ARG B 253 15.39 -9.77 6.86
N TRP B 254 16.06 -9.64 5.72
CA TRP B 254 17.42 -9.12 5.69
C TRP B 254 17.48 -7.62 5.95
N THR B 255 16.38 -6.91 5.74
CA THR B 255 16.37 -5.48 5.91
C THR B 255 16.02 -5.13 7.36
N MET B 256 14.93 -5.69 7.87
CA MET B 256 14.46 -5.34 9.20
C MET B 256 14.38 -6.48 10.20
N GLY B 257 14.83 -7.68 9.82
CA GLY B 257 14.92 -8.78 10.78
C GLY B 257 13.70 -9.68 10.93
N PHE B 258 12.62 -9.35 10.24
CA PHE B 258 11.47 -10.22 10.18
C PHE B 258 10.69 -9.96 8.92
N ASN B 259 9.70 -10.81 8.68
CA ASN B 259 9.04 -10.83 7.40
C ASN B 259 7.62 -11.38 7.46
N ALA B 260 6.95 -11.35 6.32
CA ALA B 260 5.61 -11.87 6.23
C ALA B 260 5.61 -13.07 5.28
N THR B 261 4.41 -13.59 5.07
CA THR B 261 4.13 -14.53 3.99
C THR B 261 3.21 -13.83 3.02
N MET B 262 3.09 -14.34 1.82
CA MET B 262 2.12 -13.87 0.84
C MET B 262 0.70 -13.70 1.42
N GLU B 263 0.26 -14.62 2.27
CA GLU B 263 -1.07 -14.47 2.87
C GLU B 263 -1.07 -13.46 3.99
N GLY B 264 -0.07 -13.53 4.84
CA GLY B 264 -0.08 -12.81 6.09
C GLY B 264 0.12 -11.33 5.93
N ILE B 265 0.81 -10.93 4.87
CA ILE B 265 0.96 -9.50 4.60
C ILE B 265 -0.39 -8.85 4.36
N HIS B 266 -1.33 -9.61 3.83
CA HIS B 266 -2.66 -9.08 3.61
C HIS B 266 -3.49 -9.01 4.90
N ARG B 267 -3.12 -9.77 5.94
CA ARG B 267 -3.71 -9.55 7.28
C ARG B 267 -3.14 -8.31 7.98
N TRP B 268 -1.82 -8.15 7.95
CA TRP B 268 -1.20 -6.89 8.37
C TRP B 268 -1.94 -5.73 7.71
N ALA B 269 -2.23 -5.89 6.43
CA ALA B 269 -2.79 -4.81 5.62
C ALA B 269 -4.19 -4.48 6.08
N ILE B 270 -5.03 -5.50 6.20
CA ILE B 270 -6.45 -5.27 6.49
C ILE B 270 -6.61 -4.65 7.87
N TRP B 271 -5.77 -5.05 8.82
CA TRP B 271 -5.80 -4.52 10.18
C TRP B 271 -5.20 -3.14 10.27
N MET B 272 -4.08 -2.90 9.58
CA MET B 272 -3.48 -1.57 9.55
C MET B 272 -4.55 -0.53 9.17
N ALA B 273 -5.22 -0.75 8.06
CA ALA B 273 -6.27 0.14 7.58
C ALA B 273 -7.51 0.20 8.48
N VAL B 274 -8.03 -0.97 8.87
CA VAL B 274 -9.25 -1.05 9.68
C VAL B 274 -9.09 -0.28 11.01
N LEU B 275 -7.86 -0.33 11.55
CA LEU B 275 -7.57 0.26 12.84
C LEU B 275 -7.67 1.77 12.79
N VAL B 276 -7.40 2.36 11.63
CA VAL B 276 -7.50 3.80 11.45
C VAL B 276 -8.85 4.28 11.97
N THR B 277 -9.91 3.74 11.41
CA THR B 277 -11.26 4.20 11.72
C THR B 277 -11.86 3.59 13.00
N LEU B 278 -11.34 2.43 13.41
CA LEU B 278 -11.81 1.79 14.64
C LEU B 278 -11.34 2.62 15.83
N THR B 279 -10.05 2.91 15.89
CA THR B 279 -9.52 3.75 16.97
C THR B 279 -10.09 5.15 16.90
N GLY B 280 -10.10 5.72 15.71
CA GLY B 280 -10.56 7.08 15.54
C GLY B 280 -12.00 7.25 16.00
N GLY B 281 -12.82 6.23 15.74
CA GLY B 281 -14.20 6.22 16.18
C GLY B 281 -14.35 6.19 17.69
N ILE B 282 -13.50 5.44 18.37
CA ILE B 282 -13.51 5.42 19.82
C ILE B 282 -13.15 6.81 20.37
N GLY B 283 -12.16 7.46 19.76
CA GLY B 283 -11.68 8.75 20.22
C GLY B 283 -12.71 9.86 20.10
N ILE B 284 -13.48 9.82 19.03
CA ILE B 284 -14.56 10.78 18.83
C ILE B 284 -15.75 10.45 19.74
N LEU B 285 -16.12 9.18 19.84
CA LEU B 285 -17.19 8.72 20.75
C LEU B 285 -16.95 9.24 22.16
N LEU B 286 -15.70 9.21 22.61
CA LEU B 286 -15.31 9.59 23.96
C LEU B 286 -15.22 11.09 24.18
N SER B 287 -15.12 11.84 23.08
CA SER B 287 -14.97 13.30 23.16
C SER B 287 -16.32 13.95 23.49
N GLY B 288 -16.35 14.65 24.62
CA GLY B 288 -17.56 15.34 25.07
C GLY B 288 -18.45 14.50 25.96
N THR B 289 -18.56 13.20 25.67
CA THR B 289 -19.37 12.30 26.50
C THR B 289 -18.67 11.94 27.79
N VAL B 290 -17.34 11.89 27.74
CA VAL B 290 -16.51 11.36 28.81
C VAL B 290 -15.34 12.31 29.16
N VAL B 291 -14.66 12.85 28.15
CA VAL B 291 -13.56 13.79 28.37
C VAL B 291 -13.85 15.12 27.68
N ASP B 292 -13.88 16.19 28.44
CA ASP B 292 -14.11 17.53 27.90
C ASP B 292 -12.84 18.14 27.29
N ASN B 293 -11.70 17.80 27.85
CA ASN B 293 -10.46 18.45 27.50
C ASN B 293 -9.34 17.45 27.43
N TRP B 294 -8.83 17.20 26.23
CA TRP B 294 -7.86 16.11 26.03
C TRP B 294 -6.49 16.44 26.55
N TYR B 295 -6.02 17.66 26.33
CA TYR B 295 -4.74 18.13 26.87
C TYR B 295 -4.72 18.00 28.39
N VAL B 296 -5.72 18.58 29.04
CA VAL B 296 -5.89 18.54 30.51
C VAL B 296 -5.92 17.09 31.03
N TRP B 297 -6.81 16.29 30.44
CA TRP B 297 -6.89 14.87 30.72
C TRP B 297 -5.54 14.16 30.61
N GLY B 298 -4.74 14.53 29.61
CA GLY B 298 -3.47 13.88 29.33
C GLY B 298 -2.36 14.19 30.32
N GLN B 299 -2.45 15.32 31.01
CA GLN B 299 -1.42 15.71 31.96
C GLN B 299 -1.59 15.02 33.33
N ASN B 300 -2.80 14.53 33.65
CA ASN B 300 -3.05 13.83 34.92
C ASN B 300 -2.91 12.31 34.79
N HIS B 301 -3.75 11.71 33.94
CA HIS B 301 -3.71 10.26 33.64
C HIS B 301 -2.59 10.01 32.63
N GLY B 302 -2.83 9.59 31.50
N ASP C 11 -11.54 6.11 35.18
CA ASP C 11 -12.05 6.98 34.08
C ASP C 11 -12.17 6.16 32.77
N LEU C 12 -13.30 6.23 32.09
CA LEU C 12 -13.61 5.31 30.99
C LEU C 12 -12.62 5.40 29.79
N ALA C 13 -12.12 6.60 29.51
CA ALA C 13 -11.12 6.80 28.46
C ALA C 13 -9.80 6.12 28.78
N SER C 14 -9.41 6.17 30.06
CA SER C 14 -8.18 5.52 30.52
C SER C 14 -8.32 3.99 30.44
N LEU C 15 -9.51 3.49 30.79
CA LEU C 15 -9.81 2.08 30.70
C LEU C 15 -9.79 1.65 29.23
N ALA C 16 -10.27 2.52 28.35
CA ALA C 16 -10.39 2.20 26.92
C ALA C 16 -9.01 2.14 26.24
N ILE C 17 -8.14 3.09 26.60
CA ILE C 17 -6.81 3.17 25.99
C ILE C 17 -5.92 2.03 26.48
N TYR C 18 -6.00 1.73 27.75
CA TYR C 18 -5.28 0.61 28.33
C TYR C 18 -5.79 -0.70 27.71
N SER C 19 -7.11 -0.86 27.63
CA SER C 19 -7.72 -2.03 27.00
C SER C 19 -7.23 -2.23 25.58
N PHE C 20 -7.25 -1.13 24.80
CA PHE C 20 -6.87 -1.18 23.41
C PHE C 20 -5.42 -1.61 23.26
N TRP C 21 -4.54 -1.15 24.14
CA TRP C 21 -3.14 -1.54 24.06
C TRP C 21 -2.97 -3.05 24.30
N ILE C 22 -3.78 -3.63 25.20
CA ILE C 22 -3.78 -5.08 25.42
C ILE C 22 -4.24 -5.81 24.17
N PHE C 23 -5.36 -5.37 23.61
CA PHE C 23 -5.86 -5.85 22.33
C PHE C 23 -4.80 -5.81 21.22
N LEU C 24 -3.99 -4.76 21.19
CA LEU C 24 -3.08 -4.55 20.09
C LEU C 24 -1.88 -5.49 20.16
N ALA C 25 -1.48 -5.79 21.39
CA ALA C 25 -0.40 -6.73 21.65
C ALA C 25 -0.90 -8.12 21.28
N GLY C 26 -2.18 -8.41 21.56
CA GLY C 26 -2.81 -9.66 21.16
C GLY C 26 -2.87 -9.80 19.64
N LEU C 27 -3.15 -8.69 18.98
CA LEU C 27 -3.27 -8.65 17.53
C LEU C 27 -1.92 -8.82 16.85
N ILE C 28 -0.90 -8.13 17.37
CA ILE C 28 0.46 -8.29 16.87
C ILE C 28 0.96 -9.73 17.03
N TYR C 29 0.57 -10.38 18.10
CA TYR C 29 0.95 -11.76 18.39
C TYR C 29 0.31 -12.69 17.36
N TYR C 30 -0.97 -12.47 17.11
CA TYR C 30 -1.71 -13.19 16.11
C TYR C 30 -1.07 -12.99 14.73
N LEU C 31 -0.72 -11.77 14.40
CA LEU C 31 -0.25 -11.44 13.07
C LEU C 31 1.13 -12.05 12.79
N GLN C 32 2.04 -11.92 13.75
CA GLN C 32 3.35 -12.52 13.59
C GLN C 32 3.28 -14.06 13.47
N THR C 33 2.37 -14.72 14.17
CA THR C 33 2.28 -16.19 14.10
C THR C 33 1.63 -16.63 12.79
N GLU C 34 0.65 -15.85 12.32
CA GLU C 34 0.08 -16.09 11.00
C GLU C 34 1.16 -15.98 9.91
N ASN C 35 2.18 -15.15 10.16
CA ASN C 35 3.22 -14.88 9.18
C ASN C 35 4.43 -15.81 9.35
N MET C 36 4.24 -16.82 10.18
CA MET C 36 5.19 -17.90 10.36
C MET C 36 4.68 -19.21 9.75
N ARG C 37 3.69 -19.14 8.87
CA ARG C 37 3.16 -20.36 8.26
C ARG C 37 4.04 -20.91 7.13
N GLU C 38 4.96 -20.11 6.64
CA GLU C 38 5.93 -20.57 5.67
C GLU C 38 7.31 -20.30 6.21
N GLY C 39 8.23 -21.20 5.94
CA GLY C 39 9.63 -20.98 6.25
C GLY C 39 10.06 -21.34 7.66
N TYR C 40 9.13 -21.57 8.57
CA TYR C 40 9.45 -21.97 9.94
C TYR C 40 9.26 -23.49 10.09
N PRO C 41 9.97 -24.14 11.02
CA PRO C 41 10.92 -23.52 11.95
C PRO C 41 12.20 -23.00 11.30
N LEU C 42 12.85 -22.01 11.91
CA LEU C 42 14.17 -21.55 11.46
C LEU C 42 15.20 -22.68 11.53
N GLU C 43 16.26 -22.53 10.76
CA GLU C 43 17.26 -23.58 10.55
C GLU C 43 18.69 -23.05 10.73
N ASN C 44 19.57 -23.90 11.23
CA ASN C 44 21.02 -23.62 11.23
C ASN C 44 21.47 -23.65 9.78
N GLU C 45 22.68 -23.17 9.48
CA GLU C 45 23.14 -23.14 8.08
C GLU C 45 23.41 -24.54 7.49
N ASP C 46 23.61 -25.53 8.38
CA ASP C 46 23.69 -26.94 7.98
C ASP C 46 22.34 -27.65 7.72
N GLY C 47 21.22 -26.95 7.87
CA GLY C 47 19.91 -27.53 7.60
C GLY C 47 19.13 -28.03 8.80
N THR C 48 19.81 -28.26 9.92
CA THR C 48 19.19 -28.71 11.17
C THR C 48 18.37 -27.58 11.80
N PRO C 49 17.40 -27.92 12.67
CA PRO C 49 16.62 -26.90 13.39
C PRO C 49 17.44 -26.06 14.36
N ALA C 50 17.33 -24.74 14.22
CA ALA C 50 17.97 -23.80 15.12
C ALA C 50 17.36 -23.93 16.50
N ALA C 51 18.21 -23.80 17.50
CA ALA C 51 17.77 -23.80 18.88
C ALA C 51 16.93 -22.56 19.18
N ASN C 52 17.25 -21.44 18.55
CA ASN C 52 16.50 -20.19 18.73
C ASN C 52 15.42 -19.99 17.66
N GLN C 53 14.15 -20.11 18.07
CA GLN C 53 12.99 -20.03 17.15
C GLN C 53 12.16 -18.75 17.31
N GLY C 54 12.64 -17.82 18.14
CA GLY C 54 11.94 -16.58 18.42
C GLY C 54 11.00 -16.71 19.62
N PRO C 55 10.39 -15.60 20.02
CA PRO C 55 9.45 -15.59 21.14
C PRO C 55 8.04 -16.08 20.77
N PHE C 56 7.67 -15.99 19.50
CA PHE C 56 6.34 -16.42 19.05
C PHE C 56 6.34 -17.91 18.66
N PRO C 57 5.29 -18.65 19.03
CA PRO C 57 5.22 -20.08 18.70
C PRO C 57 4.73 -20.30 17.27
N LEU C 58 5.18 -21.40 16.66
CA LEU C 58 4.65 -21.86 15.39
C LEU C 58 3.12 -21.89 15.46
N PRO C 59 2.44 -21.43 14.42
CA PRO C 59 0.98 -21.41 14.42
C PRO C 59 0.44 -22.80 14.15
N LYS C 60 -0.74 -23.08 14.68
CA LYS C 60 -1.36 -24.36 14.47
C LYS C 60 -1.80 -24.50 13.01
N PRO C 61 -1.52 -25.66 12.39
CA PRO C 61 -1.64 -25.78 10.93
C PRO C 61 -3.05 -25.52 10.37
N LYS C 62 -3.10 -25.03 9.14
CA LYS C 62 -4.35 -24.70 8.46
C LYS C 62 -4.32 -25.33 7.08
N THR C 63 -5.50 -25.56 6.51
CA THR C 63 -5.62 -26.25 5.26
C THR C 63 -6.34 -25.35 4.24
N PHE C 64 -5.80 -25.31 3.02
CA PHE C 64 -6.47 -24.74 1.88
C PHE C 64 -6.92 -25.90 1.01
N ILE C 65 -8.13 -25.78 0.46
CA ILE C 65 -8.60 -26.78 -0.50
C ILE C 65 -8.46 -26.18 -1.88
N LEU C 66 -7.58 -26.74 -2.68
CA LEU C 66 -7.32 -26.18 -4.00
C LEU C 66 -8.47 -26.56 -4.92
N PRO C 67 -8.84 -25.64 -5.82
CA PRO C 67 -9.89 -25.93 -6.81
C PRO C 67 -9.43 -26.95 -7.88
N HIS C 68 -10.39 -27.51 -8.62
CA HIS C 68 -10.13 -28.37 -9.77
C HIS C 68 -9.48 -29.71 -9.42
N GLY C 69 -9.77 -30.22 -8.23
CA GLY C 69 -9.24 -31.50 -7.77
C GLY C 69 -7.76 -31.48 -7.45
N ARG C 70 -7.17 -30.30 -7.30
CA ARG C 70 -5.71 -30.18 -7.20
C ARG C 70 -5.14 -30.55 -5.83
N GLY C 71 -5.98 -30.99 -4.89
CA GLY C 71 -5.50 -31.48 -3.60
C GLY C 71 -5.64 -30.44 -2.48
N THR C 72 -4.78 -30.52 -1.48
CA THR C 72 -4.83 -29.60 -0.36
C THR C 72 -3.43 -29.26 0.12
N LEU C 73 -3.26 -28.04 0.59
CA LEU C 73 -2.01 -27.59 1.16
C LEU C 73 -2.21 -27.36 2.64
N THR C 74 -1.31 -27.90 3.46
CA THR C 74 -1.36 -27.67 4.90
C THR C 74 -0.15 -26.92 5.35
N VAL C 75 -0.35 -25.80 6.04
CA VAL C 75 0.78 -24.95 6.47
C VAL C 75 0.54 -24.41 7.90
N PRO C 76 1.56 -24.45 8.75
CA PRO C 76 2.88 -25.03 8.45
C PRO C 76 2.88 -26.56 8.42
N GLY C 77 3.89 -27.12 7.76
CA GLY C 77 4.07 -28.56 7.68
C GLY C 77 5.46 -29.01 7.26
N PRO C 78 5.61 -30.33 7.12
CA PRO C 78 6.89 -30.93 6.71
C PRO C 78 7.47 -30.26 5.46
N GLU C 79 8.57 -29.54 5.67
CA GLU C 79 9.16 -28.69 4.66
C GLU C 79 10.44 -29.30 4.08
N SER C 80 10.55 -29.32 2.75
CA SER C 80 11.83 -29.56 2.13
C SER C 80 11.92 -28.78 0.82
N GLU C 81 13.14 -28.48 0.40
CA GLU C 81 13.38 -28.15 -0.99
C GLU C 81 13.63 -29.52 -1.61
N ASP C 82 12.69 -30.08 -2.37
CA ASP C 82 13.04 -31.32 -3.08
C ASP C 82 13.73 -30.93 -4.37
N ARG C 83 15.01 -30.62 -4.19
CA ARG C 83 15.99 -30.35 -5.24
C ARG C 83 17.34 -30.15 -4.56
N PRO C 84 18.41 -30.63 -5.19
CA PRO C 84 19.75 -30.35 -4.66
C PRO C 84 20.11 -28.86 -4.78
N ILE C 85 20.80 -28.35 -3.78
CA ILE C 85 21.29 -26.98 -3.76
C ILE C 85 22.80 -27.01 -3.95
N ALA C 86 23.27 -26.48 -5.09
CA ALA C 86 24.68 -26.48 -5.44
C ALA C 86 25.35 -25.28 -4.78
N LEU C 87 25.46 -25.34 -3.46
CA LEU C 87 26.17 -24.32 -2.67
C LEU C 87 27.08 -24.96 -1.65
N ALA C 88 28.09 -24.23 -1.21
CA ALA C 88 28.97 -24.69 -0.15
C ALA C 88 29.13 -23.59 0.91
N ARG C 89 29.33 -24.00 2.16
CA ARG C 89 29.67 -23.08 3.25
C ARG C 89 31.02 -22.32 3.02
N THR C 90 31.07 -21.05 3.42
CA THR C 90 32.23 -20.17 3.19
C THR C 90 33.02 -19.90 4.48
N ALA C 91 32.55 -20.49 5.59
CA ALA C 91 33.12 -20.20 6.90
C ALA C 91 32.61 -21.18 7.93
N VAL C 92 33.44 -21.44 8.93
CA VAL C 92 33.08 -22.32 10.06
C VAL C 92 31.83 -21.79 10.74
N SER C 93 31.86 -20.49 11.07
CA SER C 93 30.78 -19.85 11.80
C SER C 93 29.69 -19.30 10.88
N GLU C 94 28.53 -19.00 11.49
CA GLU C 94 27.36 -18.57 10.75
C GLU C 94 27.40 -17.08 10.37
N GLY C 95 26.70 -16.72 9.29
CA GLY C 95 26.52 -15.33 8.90
C GLY C 95 27.20 -14.97 7.59
N PHE C 96 27.92 -15.92 6.98
CA PHE C 96 28.67 -15.64 5.77
C PHE C 96 27.98 -16.26 4.54
N PRO C 97 28.22 -15.67 3.36
CA PRO C 97 27.67 -16.19 2.11
C PRO C 97 27.96 -17.67 1.89
N HIS C 98 27.09 -18.35 1.16
CA HIS C 98 27.38 -19.69 0.68
C HIS C 98 27.56 -19.56 -0.81
N ALA C 99 28.67 -20.09 -1.31
CA ALA C 99 29.11 -19.84 -2.68
C ALA C 99 28.64 -20.95 -3.60
N PRO C 100 28.17 -20.60 -4.80
CA PRO C 100 27.85 -21.61 -5.81
C PRO C 100 29.04 -22.49 -6.10
N THR C 101 28.81 -23.81 -6.11
CA THR C 101 29.85 -24.80 -6.46
C THR C 101 29.96 -25.04 -7.94
N GLY C 102 28.88 -24.83 -8.68
CA GLY C 102 28.84 -25.05 -10.11
C GLY C 102 28.51 -23.79 -10.89
N ASP C 103 27.64 -23.92 -11.89
CA ASP C 103 27.16 -22.77 -12.64
C ASP C 103 25.89 -22.33 -11.93
N PRO C 104 25.91 -21.16 -11.29
CA PRO C 104 24.78 -20.78 -10.44
C PRO C 104 23.50 -20.63 -11.25
N MET C 105 23.60 -20.15 -12.49
CA MET C 105 22.44 -20.01 -13.38
C MET C 105 21.81 -21.33 -13.79
N LYS C 106 22.63 -22.31 -14.15
CA LYS C 106 22.10 -23.61 -14.56
C LYS C 106 21.65 -24.41 -13.32
N ASP C 107 22.24 -24.12 -12.16
CA ASP C 107 21.93 -24.85 -10.90
C ASP C 107 20.79 -24.22 -10.04
N GLY C 108 20.37 -22.99 -10.38
CA GLY C 108 19.25 -22.36 -9.73
C GLY C 108 19.53 -21.85 -8.33
N VAL C 109 20.59 -21.07 -8.19
CA VAL C 109 20.98 -20.57 -6.87
C VAL C 109 21.14 -19.07 -6.87
N GLY C 110 21.24 -18.48 -5.69
CA GLY C 110 21.26 -17.05 -5.55
C GLY C 110 20.11 -16.40 -6.29
N PRO C 111 20.38 -15.30 -6.99
CA PRO C 111 19.31 -14.60 -7.71
C PRO C 111 18.77 -15.40 -8.89
N ALA C 112 19.39 -16.53 -9.20
CA ALA C 112 18.89 -17.43 -10.24
C ALA C 112 17.95 -18.48 -9.66
N SER C 113 17.58 -18.35 -8.38
CA SER C 113 16.92 -19.44 -7.67
C SER C 113 15.53 -19.73 -8.23
N TRP C 114 15.13 -20.98 -8.11
CA TRP C 114 13.75 -21.35 -8.38
C TRP C 114 13.20 -22.27 -7.29
N VAL C 115 11.88 -22.34 -7.18
CA VAL C 115 11.25 -23.14 -6.13
C VAL C 115 10.57 -24.31 -6.80
N ALA C 116 10.57 -25.45 -6.11
CA ALA C 116 9.95 -26.67 -6.64
C ALA C 116 8.45 -26.56 -6.50
N ARG C 117 7.84 -25.77 -7.38
CA ARG C 117 6.40 -25.66 -7.41
C ARG C 117 5.87 -26.87 -8.17
N ARG C 118 4.56 -27.07 -8.11
CA ARG C 118 3.84 -28.09 -8.86
C ARG C 118 4.16 -27.93 -10.33
N ASP C 119 4.52 -29.04 -10.96
CA ASP C 119 4.72 -29.16 -12.39
C ASP C 119 3.38 -29.26 -13.14
N LEU C 120 2.47 -28.34 -12.83
CA LEU C 120 1.18 -28.24 -13.50
C LEU C 120 0.92 -26.76 -13.77
N PRO C 121 0.14 -26.41 -14.79
CA PRO C 121 -0.16 -25.00 -15.08
C PRO C 121 -1.20 -24.40 -14.10
N GLU C 122 -1.11 -23.09 -13.83
CA GLU C 122 -2.12 -22.39 -13.03
C GLU C 122 -3.41 -22.45 -13.84
N LEU C 123 -4.52 -22.74 -13.16
CA LEU C 123 -5.81 -22.79 -13.85
C LEU C 123 -6.60 -21.54 -13.50
N ASP C 124 -7.36 -21.03 -14.47
CA ASP C 124 -8.32 -19.98 -14.20
C ASP C 124 -9.52 -20.55 -13.45
N GLY C 125 -10.53 -19.70 -13.25
CA GLY C 125 -11.72 -20.10 -12.52
C GLY C 125 -12.51 -21.26 -13.09
N HIS C 126 -12.60 -21.36 -14.42
CA HIS C 126 -13.29 -22.46 -15.10
C HIS C 126 -12.38 -23.67 -15.39
N GLY C 127 -11.17 -23.67 -14.84
CA GLY C 127 -10.25 -24.79 -15.00
C GLY C 127 -9.46 -24.86 -16.31
N HIS C 128 -9.57 -23.86 -17.19
CA HIS C 128 -8.73 -23.80 -18.41
C HIS C 128 -7.40 -23.15 -18.03
N ASN C 129 -6.35 -23.35 -18.83
CA ASN C 129 -5.04 -22.81 -18.48
C ASN C 129 -5.10 -21.28 -18.41
N LYS C 130 -4.45 -20.73 -17.38
CA LYS C 130 -4.40 -19.29 -17.16
C LYS C 130 -3.56 -18.58 -18.23
N ILE C 131 -2.41 -19.18 -18.56
CA ILE C 131 -1.46 -18.58 -19.49
C ILE C 131 -1.41 -19.42 -20.75
N LYS C 132 -1.69 -18.79 -21.89
CA LYS C 132 -1.69 -19.47 -23.18
C LYS C 132 -0.95 -18.60 -24.18
N PRO C 133 -0.31 -19.20 -25.18
CA PRO C 133 0.26 -18.41 -26.28
C PRO C 133 -0.90 -17.73 -27.03
N MET C 134 -0.67 -16.56 -27.61
CA MET C 134 -1.75 -15.79 -28.23
C MET C 134 -2.31 -16.51 -29.46
N LYS C 135 -1.49 -17.33 -30.10
CA LYS C 135 -1.92 -18.15 -31.23
C LYS C 135 -2.96 -19.19 -30.79
N ALA C 136 -2.96 -19.58 -29.51
CA ALA C 136 -3.98 -20.52 -29.00
C ALA C 136 -5.13 -19.83 -28.25
N ALA C 137 -5.22 -18.51 -28.33
CA ALA C 137 -6.17 -17.74 -27.53
C ALA C 137 -7.08 -16.88 -28.40
N ALA C 138 -8.23 -17.42 -28.75
CA ALA C 138 -9.17 -16.79 -29.69
C ALA C 138 -9.55 -15.35 -29.34
N GLY C 139 -9.25 -14.41 -30.24
CA GLY C 139 -9.63 -13.02 -30.10
C GLY C 139 -8.52 -12.09 -29.63
N PHE C 140 -7.52 -12.66 -28.94
CA PHE C 140 -6.45 -11.88 -28.35
C PHE C 140 -5.51 -11.26 -29.37
N HIS C 141 -5.16 -10.00 -29.13
CA HIS C 141 -4.36 -9.19 -30.05
C HIS C 141 -3.72 -8.04 -29.27
N VAL C 142 -2.74 -7.40 -29.87
CA VAL C 142 -2.15 -6.22 -29.29
C VAL C 142 -3.09 -5.03 -29.49
N SER C 143 -3.54 -4.42 -28.39
CA SER C 143 -4.50 -3.32 -28.45
C SER C 143 -3.83 -1.95 -28.41
N ALA C 144 -2.61 -1.89 -27.88
CA ALA C 144 -1.86 -0.63 -27.76
C ALA C 144 -0.37 -0.89 -27.50
N GLY C 145 0.44 0.17 -27.59
CA GLY C 145 1.88 0.08 -27.52
C GLY C 145 2.41 -0.63 -28.74
N LYS C 146 3.73 -0.78 -28.81
CA LYS C 146 4.35 -1.45 -29.95
C LYS C 146 4.11 -2.97 -29.90
N ASN C 147 3.63 -3.50 -31.02
CA ASN C 147 3.55 -4.93 -31.23
C ASN C 147 4.97 -5.52 -31.39
N PRO C 148 5.33 -6.45 -30.50
CA PRO C 148 6.65 -7.09 -30.54
C PRO C 148 6.79 -8.30 -31.44
N ILE C 149 5.70 -8.92 -31.90
CA ILE C 149 5.83 -10.11 -32.75
C ILE C 149 6.56 -9.74 -34.04
N GLY C 150 7.55 -10.54 -34.40
CA GLY C 150 8.36 -10.30 -35.59
C GLY C 150 9.61 -9.50 -35.32
N LEU C 151 9.65 -8.72 -34.25
CA LEU C 151 10.85 -7.99 -33.85
C LEU C 151 12.01 -8.90 -33.46
N PRO C 152 13.24 -8.46 -33.72
CA PRO C 152 14.42 -9.19 -33.27
C PRO C 152 14.60 -9.04 -31.75
N VAL C 153 15.25 -10.02 -31.12
CA VAL C 153 15.52 -9.95 -29.69
C VAL C 153 17.02 -9.78 -29.50
N ARG C 154 17.40 -8.83 -28.65
CA ARG C 154 18.79 -8.44 -28.51
C ARG C 154 19.20 -8.55 -27.05
N GLY C 155 20.37 -9.14 -26.80
CA GLY C 155 20.89 -9.28 -25.46
C GLY C 155 21.71 -8.08 -25.03
N CYS C 156 22.23 -8.15 -23.80
CA CYS C 156 23.12 -7.12 -23.23
C CYS C 156 24.45 -6.99 -23.98
N ASP C 157 24.87 -8.07 -24.65
CA ASP C 157 26.00 -8.06 -25.60
C ASP C 157 25.68 -7.42 -26.96
N LEU C 158 24.44 -6.94 -27.13
CA LEU C 158 23.97 -6.24 -28.33
C LEU C 158 23.80 -7.12 -29.57
N GLU C 159 23.86 -8.44 -29.39
CA GLU C 159 23.72 -9.40 -30.49
C GLU C 159 22.32 -9.98 -30.51
N ILE C 160 21.87 -10.41 -31.68
CA ILE C 160 20.54 -10.94 -31.84
C ILE C 160 20.46 -12.40 -31.36
N ALA C 161 19.48 -12.69 -30.52
CA ALA C 161 19.29 -14.01 -29.93
C ALA C 161 18.24 -14.79 -30.70
N GLY C 162 17.36 -14.09 -31.40
CA GLY C 162 16.19 -14.69 -32.01
C GLY C 162 15.16 -13.67 -32.44
N LYS C 163 13.99 -14.14 -32.90
CA LYS C 163 12.84 -13.23 -33.12
C LYS C 163 11.64 -13.64 -32.29
N VAL C 164 10.85 -12.65 -31.87
CA VAL C 164 9.61 -12.90 -31.15
C VAL C 164 8.60 -13.51 -32.12
N VAL C 165 8.11 -14.70 -31.82
CA VAL C 165 7.13 -15.37 -32.65
C VAL C 165 5.70 -15.27 -32.06
N ASP C 166 5.57 -15.03 -30.76
CA ASP C 166 4.25 -14.93 -30.11
C ASP C 166 4.31 -14.12 -28.80
N ILE C 167 3.15 -13.86 -28.20
CA ILE C 167 3.05 -13.36 -26.82
C ILE C 167 2.24 -14.36 -26.01
N TRP C 168 2.72 -14.74 -24.83
CA TRP C 168 1.94 -15.60 -23.91
C TRP C 168 1.14 -14.74 -22.93
N VAL C 169 -0.17 -14.93 -22.93
CA VAL C 169 -1.05 -14.02 -22.21
C VAL C 169 -1.77 -14.70 -21.07
N ASP C 170 -1.79 -14.02 -19.94
CA ASP C 170 -2.71 -14.26 -18.82
C ASP C 170 -4.12 -13.93 -19.31
N ILE C 171 -4.87 -14.95 -19.69
CA ILE C 171 -6.17 -14.74 -20.30
C ILE C 171 -7.14 -13.98 -19.38
N PRO C 172 -7.34 -14.48 -18.16
CA PRO C 172 -8.25 -13.82 -17.21
C PRO C 172 -7.92 -12.36 -16.86
N GLU C 173 -6.65 -11.97 -16.90
CA GLU C 173 -6.23 -10.60 -16.54
C GLU C 173 -5.90 -9.74 -17.76
N GLN C 174 -5.91 -10.39 -18.93
CA GLN C 174 -5.60 -9.76 -20.22
C GLN C 174 -4.28 -8.98 -20.20
N MET C 175 -3.21 -9.61 -19.74
CA MET C 175 -1.89 -9.00 -19.78
C MET C 175 -0.87 -9.94 -20.39
N ALA C 176 0.08 -9.35 -21.08
CA ALA C 176 1.18 -10.08 -21.66
C ALA C 176 2.12 -10.46 -20.54
N ARG C 177 2.41 -11.75 -20.44
CA ARG C 177 3.27 -12.27 -19.40
C ARG C 177 4.65 -12.68 -19.91
N PHE C 178 4.69 -13.25 -21.10
CA PHE C 178 5.95 -13.71 -21.70
C PHE C 178 5.99 -13.34 -23.18
N LEU C 179 7.21 -13.25 -23.73
CA LEU C 179 7.42 -13.26 -25.16
C LEU C 179 8.07 -14.59 -25.50
N GLU C 180 7.49 -15.30 -26.46
CA GLU C 180 8.09 -16.53 -26.97
C GLU C 180 9.10 -16.13 -28.03
N VAL C 181 10.28 -16.70 -27.96
CA VAL C 181 11.40 -16.23 -28.76
C VAL C 181 12.04 -17.43 -29.47
N GLU C 182 12.09 -17.37 -30.80
CA GLU C 182 12.69 -18.43 -31.59
C GLU C 182 14.18 -18.19 -31.71
N LEU C 183 14.97 -19.20 -31.36
CA LEU C 183 16.43 -19.15 -31.48
C LEU C 183 16.90 -19.56 -32.87
N LYS C 184 18.18 -19.35 -33.17
CA LYS C 184 18.76 -19.71 -34.46
C LYS C 184 18.52 -21.18 -34.77
N ASP C 185 18.47 -22.04 -33.75
CA ASP C 185 18.32 -23.48 -33.97
C ASP C 185 16.88 -23.97 -34.25
N GLY C 186 15.88 -23.10 -34.04
CA GLY C 186 14.51 -23.44 -34.40
C GLY C 186 13.59 -23.66 -33.21
N SER C 187 14.13 -24.12 -32.09
CA SER C 187 13.38 -24.19 -30.84
C SER C 187 12.97 -22.79 -30.36
N THR C 188 12.18 -22.74 -29.29
CA THR C 188 11.76 -21.45 -28.73
C THR C 188 11.98 -21.43 -27.22
N ARG C 189 11.96 -20.23 -26.66
CA ARG C 189 11.95 -20.04 -25.22
C ARG C 189 10.98 -18.94 -24.85
N LEU C 190 10.60 -18.92 -23.58
CA LEU C 190 9.81 -17.83 -23.00
C LEU C 190 10.69 -16.86 -22.21
N LEU C 191 10.44 -15.57 -22.44
CA LEU C 191 11.12 -14.46 -21.74
C LEU C 191 10.08 -13.71 -20.95
N PRO C 192 10.23 -13.54 -19.63
CA PRO C 192 9.24 -12.78 -18.88
C PRO C 192 9.09 -11.35 -19.44
N MET C 193 7.86 -10.84 -19.47
CA MET C 193 7.54 -9.53 -20.09
C MET C 193 8.24 -8.42 -19.31
N GLN C 194 8.35 -8.60 -18.01
CA GLN C 194 8.87 -7.55 -17.15
C GLN C 194 10.38 -7.52 -17.14
N MET C 195 11.01 -8.39 -17.95
CA MET C 195 12.46 -8.41 -18.15
C MET C 195 12.89 -7.97 -19.56
N VAL C 196 11.94 -7.42 -20.31
CA VAL C 196 12.21 -6.92 -21.66
C VAL C 196 11.84 -5.44 -21.77
N LYS C 197 12.57 -4.70 -22.60
CA LYS C 197 12.15 -3.39 -23.04
C LYS C 197 11.81 -3.48 -24.53
N VAL C 198 10.53 -3.37 -24.84
CA VAL C 198 10.08 -3.30 -26.23
C VAL C 198 10.36 -1.92 -26.79
N GLN C 199 11.09 -1.87 -27.89
CA GLN C 199 11.40 -0.62 -28.60
C GLN C 199 10.79 -0.65 -30.02
N SER C 200 11.00 0.42 -30.79
CA SER C 200 10.36 0.56 -32.10
C SER C 200 10.92 -0.40 -33.15
N ASN C 201 12.21 -0.74 -33.04
CA ASN C 201 12.88 -1.60 -34.04
C ASN C 201 13.46 -2.92 -33.48
N ARG C 202 13.30 -3.15 -32.18
CA ARG C 202 13.90 -4.32 -31.52
C ARG C 202 13.36 -4.53 -30.10
N VAL C 203 13.63 -5.69 -29.53
CA VAL C 203 13.35 -5.97 -28.12
C VAL C 203 14.70 -6.17 -27.40
N HIS C 204 14.98 -5.35 -26.39
CA HIS C 204 16.24 -5.43 -25.61
C HIS C 204 16.02 -6.26 -24.34
N VAL C 205 17.05 -7.00 -23.95
CA VAL C 205 17.04 -7.84 -22.74
C VAL C 205 18.40 -7.68 -22.04
N ASN C 206 18.47 -6.71 -21.13
CA ASN C 206 19.66 -6.41 -20.32
C ASN C 206 20.22 -7.59 -19.50
N ALA C 207 19.35 -8.55 -19.14
CA ALA C 207 19.71 -9.61 -18.20
C ALA C 207 20.59 -10.69 -18.79
N LEU C 208 20.48 -10.90 -20.10
CA LEU C 208 21.11 -12.05 -20.76
C LEU C 208 21.86 -11.63 -22.00
N SER C 209 23.02 -12.24 -22.23
CA SER C 209 23.65 -12.16 -23.54
C SER C 209 22.89 -13.08 -24.49
N SER C 210 23.02 -12.83 -25.78
CA SER C 210 22.39 -13.63 -26.84
C SER C 210 22.65 -15.13 -26.70
N ASP C 211 23.91 -15.48 -26.41
CA ASP C 211 24.28 -16.90 -26.25
C ASP C 211 23.78 -17.60 -24.97
N LEU C 212 23.08 -16.88 -24.08
CA LEU C 212 22.54 -17.48 -22.86
C LEU C 212 21.04 -17.71 -22.91
N PHE C 213 20.39 -17.33 -24.00
CA PHE C 213 18.96 -17.56 -24.19
C PHE C 213 18.62 -19.05 -24.29
N ALA C 214 19.55 -19.85 -24.82
CA ALA C 214 19.30 -21.28 -25.00
C ALA C 214 19.33 -22.02 -23.67
N GLY C 215 20.05 -21.48 -22.70
CA GLY C 215 20.11 -22.07 -21.38
C GLY C 215 18.85 -21.82 -20.57
N ILE C 216 17.99 -20.91 -21.04
CA ILE C 216 16.64 -20.72 -20.50
C ILE C 216 15.95 -22.08 -20.55
N PRO C 217 15.47 -22.54 -19.41
CA PRO C 217 14.78 -23.85 -19.34
C PRO C 217 13.64 -23.96 -20.35
N THR C 218 13.49 -25.13 -20.95
CA THR C 218 12.49 -25.34 -22.00
C THR C 218 11.23 -25.96 -21.42
N ILE C 219 10.10 -25.70 -22.07
CA ILE C 219 8.81 -26.19 -21.58
C ILE C 219 8.45 -27.49 -22.28
N LYS C 220 7.86 -28.43 -21.55
CA LYS C 220 7.49 -29.75 -22.09
C LYS C 220 6.46 -29.63 -23.21
N SER C 221 5.32 -28.99 -22.93
CA SER C 221 4.27 -28.75 -23.92
C SER C 221 4.47 -27.40 -24.60
N PRO C 222 4.20 -27.29 -25.91
CA PRO C 222 4.33 -26.02 -26.62
C PRO C 222 3.13 -25.08 -26.48
N THR C 223 2.01 -25.51 -25.89
CA THR C 223 0.84 -24.63 -25.67
C THR C 223 0.53 -24.30 -24.22
N GLU C 224 1.32 -24.83 -23.27
CA GLU C 224 1.13 -24.50 -21.86
C GLU C 224 2.46 -24.45 -21.10
N VAL C 225 2.43 -23.87 -19.90
CA VAL C 225 3.61 -23.78 -19.04
C VAL C 225 3.22 -24.02 -17.60
N THR C 226 4.01 -24.84 -16.92
CA THR C 226 3.73 -25.22 -15.56
C THR C 226 4.28 -24.16 -14.61
N LEU C 227 3.87 -24.22 -13.36
CA LEU C 227 4.36 -23.29 -12.36
C LEU C 227 5.83 -23.58 -12.13
N LEU C 228 6.18 -24.86 -12.05
CA LEU C 228 7.59 -25.25 -11.94
C LEU C 228 8.41 -24.63 -13.08
N GLU C 229 7.92 -24.71 -14.31
CA GLU C 229 8.65 -24.15 -15.44
C GLU C 229 8.77 -22.63 -15.36
N GLU C 230 7.68 -21.96 -15.00
CA GLU C 230 7.68 -20.49 -14.85
C GLU C 230 8.73 -20.04 -13.86
N ASP C 231 8.84 -20.73 -12.74
CA ASP C 231 9.81 -20.38 -11.72
C ASP C 231 11.27 -20.51 -12.22
N LYS C 232 11.57 -21.63 -12.87
CA LYS C 232 12.85 -21.88 -13.52
C LYS C 232 13.18 -20.83 -14.57
N ILE C 233 12.17 -20.45 -15.37
CA ILE C 233 12.37 -19.46 -16.41
C ILE C 233 12.64 -18.07 -15.83
N CYS C 234 11.81 -17.63 -14.89
CA CYS C 234 11.98 -16.31 -14.27
C CYS C 234 13.20 -16.23 -13.39
N GLY C 235 13.49 -17.31 -12.70
CA GLY C 235 14.72 -17.43 -11.91
C GLY C 235 15.97 -17.33 -12.77
N TYR C 236 16.04 -18.14 -13.81
CA TYR C 236 17.22 -18.13 -14.68
C TYR C 236 17.44 -16.72 -15.25
N VAL C 237 16.37 -16.12 -15.74
CA VAL C 237 16.46 -14.83 -16.42
C VAL C 237 16.82 -13.70 -15.46
N ALA C 238 16.21 -13.65 -14.29
CA ALA C 238 16.62 -12.63 -13.32
C ALA C 238 18.08 -12.86 -12.92
N GLY C 239 18.49 -14.12 -12.76
CA GLY C 239 19.85 -14.48 -12.37
C GLY C 239 20.98 -13.93 -13.25
N GLY C 240 20.67 -13.63 -14.51
CA GLY C 240 21.66 -13.06 -15.41
C GLY C 240 22.07 -11.65 -15.06
N LEU C 241 21.20 -10.89 -14.40
CA LEU C 241 21.58 -9.54 -13.96
C LEU C 241 22.87 -9.58 -13.17
N MET C 242 23.04 -10.62 -12.35
CA MET C 242 24.28 -10.81 -11.60
C MET C 242 25.33 -11.71 -12.29
N TYR C 243 24.91 -12.81 -12.92
CA TYR C 243 25.82 -13.88 -13.35
C TYR C 243 26.18 -13.85 -14.85
N ALA C 244 25.49 -13.02 -15.62
CA ALA C 244 25.87 -12.75 -17.00
C ALA C 244 26.45 -11.34 -17.13
N ALA C 245 26.58 -10.63 -16.01
CA ALA C 245 26.98 -9.20 -16.00
C ALA C 245 28.40 -8.84 -16.50
N PRO C 246 29.44 -9.60 -16.12
CA PRO C 246 30.79 -9.36 -16.65
C PRO C 246 30.88 -9.37 -18.20
N LYS C 247 30.08 -10.20 -18.88
CA LYS C 247 30.16 -10.40 -20.35
C LYS C 247 30.75 -9.21 -21.11
#